data_8QNT
#
_entry.id   8QNT
#
_entity_poly.entity_id   1
_entity_poly.type   'polypeptide(L)'
_entity_poly.pdbx_seq_one_letter_code
;GSMKNYQPNKDLLEILESQKIKIKNLKEEVKILQRKIDQQIAKERVIKQ
;
_entity_poly.pdbx_strand_id   A
#
# COMPACT_ATOMS: atom_id res chain seq x y z
N GLY A 1 -12.42 -17.13 -6.24
CA GLY A 1 -11.05 -17.39 -6.64
C GLY A 1 -10.04 -16.79 -5.69
N SER A 2 -9.51 -15.62 -6.05
CA SER A 2 -8.51 -14.95 -5.21
C SER A 2 -8.59 -13.44 -5.41
N MET A 3 -7.85 -12.70 -4.58
CA MET A 3 -7.83 -11.25 -4.66
C MET A 3 -6.96 -10.77 -5.83
N LYS A 4 -7.53 -9.91 -6.65
CA LYS A 4 -6.81 -9.38 -7.81
C LYS A 4 -6.46 -7.90 -7.60
N ASN A 5 -5.42 -7.45 -8.29
CA ASN A 5 -4.98 -6.06 -8.17
C ASN A 5 -5.53 -5.23 -9.33
N TYR A 6 -5.98 -4.02 -9.02
CA TYR A 6 -6.53 -3.12 -10.03
C TYR A 6 -5.96 -1.72 -9.89
N GLN A 7 -6.49 -0.79 -10.68
CA GLN A 7 -6.02 0.60 -10.63
C GLN A 7 -5.92 1.09 -9.20
N PRO A 8 -5.17 2.19 -9.01
CA PRO A 8 -4.97 2.79 -7.68
C PRO A 8 -6.25 3.44 -7.15
N ASN A 9 -7.20 2.61 -6.75
CA ASN A 9 -8.46 3.11 -6.21
C ASN A 9 -8.28 3.71 -4.83
N LYS A 10 -8.29 5.03 -4.75
CA LYS A 10 -8.12 5.73 -3.48
C LYS A 10 -9.44 5.82 -2.73
N ASP A 11 -10.54 5.89 -3.47
CA ASP A 11 -11.87 5.97 -2.87
C ASP A 11 -12.17 4.73 -2.03
N LEU A 12 -11.78 3.56 -2.54
CA LEU A 12 -12.00 2.30 -1.84
C LEU A 12 -10.93 2.08 -0.79
N LEU A 13 -9.71 2.50 -1.08
CA LEU A 13 -8.60 2.34 -0.15
C LEU A 13 -8.79 3.23 1.08
N GLU A 14 -9.15 4.48 0.84
CA GLU A 14 -9.36 5.42 1.94
C GLU A 14 -10.28 4.83 3.00
N ILE A 15 -11.22 4.00 2.57
CA ILE A 15 -12.15 3.36 3.49
C ILE A 15 -11.43 2.45 4.47
N LEU A 16 -10.41 1.75 3.98
CA LEU A 16 -9.63 0.84 4.82
C LEU A 16 -8.52 1.59 5.53
N GLU A 17 -7.96 2.59 4.87
CA GLU A 17 -6.88 3.38 5.46
C GLU A 17 -7.39 4.22 6.61
N SER A 18 -8.69 4.55 6.58
CA SER A 18 -9.31 5.35 7.63
C SER A 18 -8.95 4.81 9.01
N GLN A 19 -9.30 3.55 9.25
CA GLN A 19 -9.02 2.91 10.52
C GLN A 19 -7.56 2.46 10.61
N LYS A 20 -7.02 2.03 9.47
CA LYS A 20 -5.64 1.57 9.41
C LYS A 20 -4.68 2.71 9.76
N ILE A 21 -5.17 3.93 9.72
CA ILE A 21 -4.36 5.10 10.04
C ILE A 21 -3.55 4.88 11.30
N LYS A 22 -4.11 4.09 12.22
CA LYS A 22 -3.43 3.79 13.49
C LYS A 22 -2.22 2.89 13.26
N ILE A 23 -2.43 1.82 12.50
CA ILE A 23 -1.35 0.88 12.21
C ILE A 23 -0.35 1.48 11.24
N LYS A 24 -0.82 2.40 10.40
CA LYS A 24 0.03 3.05 9.42
C LYS A 24 1.32 3.57 10.07
N ASN A 25 1.22 3.99 11.33
CA ASN A 25 2.37 4.50 12.06
C ASN A 25 3.42 3.41 12.25
N LEU A 26 3.02 2.32 12.89
CA LEU A 26 3.92 1.20 13.14
C LEU A 26 4.55 0.70 11.84
N LYS A 27 3.80 0.83 10.75
CA LYS A 27 4.27 0.40 9.44
C LYS A 27 5.21 1.43 8.84
N GLU A 28 4.96 2.70 9.13
CA GLU A 28 5.79 3.79 8.62
C GLU A 28 7.22 3.67 9.13
N GLU A 29 7.38 3.04 10.29
CA GLU A 29 8.71 2.86 10.88
C GLU A 29 9.53 1.87 10.08
N VAL A 30 9.02 0.64 9.97
CA VAL A 30 9.71 -0.41 9.23
C VAL A 30 9.68 -0.13 7.72
N LYS A 31 8.72 0.68 7.30
CA LYS A 31 8.57 1.02 5.89
C LYS A 31 9.91 1.49 5.32
N ILE A 32 10.74 2.10 6.16
CA ILE A 32 12.03 2.59 5.73
C ILE A 32 12.81 1.51 4.99
N LEU A 33 12.64 0.27 5.41
CA LEU A 33 13.32 -0.86 4.78
C LEU A 33 12.53 -1.39 3.60
N GLN A 34 11.22 -1.54 3.79
CA GLN A 34 10.35 -2.04 2.73
C GLN A 34 10.39 -1.11 1.51
N ARG A 35 10.80 0.13 1.73
CA ARG A 35 10.88 1.11 0.66
C ARG A 35 11.61 0.53 -0.55
N LYS A 36 12.62 -0.30 -0.28
CA LYS A 36 13.41 -0.92 -1.34
C LYS A 36 12.69 -2.14 -1.90
N ILE A 37 11.98 -2.85 -1.03
CA ILE A 37 11.24 -4.04 -1.44
C ILE A 37 10.06 -3.69 -2.33
N ASP A 38 9.46 -2.54 -2.06
CA ASP A 38 8.30 -2.08 -2.83
C ASP A 38 8.68 -1.89 -4.30
N GLN A 39 9.85 -1.31 -4.54
CA GLN A 39 10.33 -1.08 -5.89
C GLN A 39 10.49 -2.40 -6.65
N GLN A 40 10.54 -3.50 -5.90
CA GLN A 40 10.70 -4.81 -6.50
C GLN A 40 9.46 -5.21 -7.30
N ILE A 41 8.30 -5.10 -6.67
CA ILE A 41 7.05 -5.44 -7.32
C ILE A 41 5.97 -4.40 -7.01
N ALA A 42 5.96 -3.92 -5.79
CA ALA A 42 4.98 -2.92 -5.36
C ALA A 42 4.93 -1.76 -6.35
N LYS A 43 6.06 -1.46 -6.97
CA LYS A 43 6.15 -0.38 -7.93
C LYS A 43 5.31 -0.68 -9.18
N GLU A 44 5.26 -1.96 -9.55
CA GLU A 44 4.49 -2.37 -10.71
C GLU A 44 3.02 -2.59 -10.35
N ARG A 45 2.78 -3.07 -9.13
CA ARG A 45 1.42 -3.32 -8.67
C ARG A 45 0.54 -2.10 -8.87
N VAL A 46 1.08 -0.92 -8.54
CA VAL A 46 0.34 0.33 -8.69
C VAL A 46 0.60 0.96 -10.05
N ILE A 47 -0.38 0.88 -10.94
CA ILE A 47 -0.26 1.45 -12.27
C ILE A 47 -0.60 2.94 -12.27
N LYS A 48 0.16 3.73 -13.03
CA LYS A 48 -0.07 5.15 -13.12
C LYS A 48 0.13 5.65 -14.55
N GLN A 49 -0.88 6.35 -15.07
CA GLN A 49 -0.83 6.87 -16.43
C GLN A 49 0.44 7.67 -16.65
N GLY A 1 0.89 -17.30 -0.84
CA GLY A 1 0.10 -16.61 -1.85
C GLY A 1 0.48 -15.15 -1.99
N SER A 2 0.99 -14.79 -3.16
CA SER A 2 1.40 -13.42 -3.42
C SER A 2 0.20 -12.47 -3.37
N MET A 3 0.35 -11.38 -2.62
CA MET A 3 -0.73 -10.40 -2.49
C MET A 3 -0.80 -9.50 -3.73
N LYS A 4 -1.88 -9.63 -4.49
CA LYS A 4 -2.07 -8.82 -5.69
C LYS A 4 -2.99 -7.65 -5.43
N ASN A 5 -2.47 -6.44 -5.59
CA ASN A 5 -3.25 -5.23 -5.37
C ASN A 5 -3.85 -4.72 -6.68
N TYR A 6 -4.54 -3.59 -6.62
CA TYR A 6 -5.16 -3.00 -7.79
C TYR A 6 -4.87 -1.51 -7.87
N GLN A 7 -5.49 -0.83 -8.84
CA GLN A 7 -5.30 0.59 -9.03
C GLN A 7 -5.34 1.33 -7.69
N PRO A 8 -4.75 2.54 -7.66
CA PRO A 8 -4.71 3.36 -6.45
C PRO A 8 -6.09 3.92 -6.09
N ASN A 9 -6.97 3.04 -5.60
CA ASN A 9 -8.31 3.44 -5.21
C ASN A 9 -8.29 4.26 -3.92
N LYS A 10 -8.35 5.58 -4.05
CA LYS A 10 -8.34 6.46 -2.89
C LYS A 10 -9.74 6.60 -2.30
N ASP A 11 -10.75 6.61 -3.17
CA ASP A 11 -12.13 6.73 -2.73
C ASP A 11 -12.52 5.56 -1.84
N LEU A 12 -12.13 4.35 -2.24
CA LEU A 12 -12.44 3.15 -1.48
C LEU A 12 -11.52 3.01 -0.27
N LEU A 13 -10.23 3.16 -0.51
CA LEU A 13 -9.24 3.06 0.56
C LEU A 13 -9.50 4.08 1.65
N GLU A 14 -9.98 5.26 1.25
CA GLU A 14 -10.28 6.32 2.20
C GLU A 14 -11.16 5.82 3.34
N ILE A 15 -12.19 5.05 2.99
CA ILE A 15 -13.10 4.51 3.98
C ILE A 15 -12.34 3.79 5.09
N LEU A 16 -11.29 3.07 4.70
CA LEU A 16 -10.48 2.33 5.66
C LEU A 16 -9.41 3.24 6.28
N GLU A 17 -8.97 4.24 5.52
CA GLU A 17 -7.96 5.17 6.01
C GLU A 17 -8.34 5.72 7.38
N SER A 18 -9.64 5.82 7.64
CA SER A 18 -10.13 6.34 8.91
C SER A 18 -9.46 5.61 10.07
N GLN A 19 -9.61 4.30 10.11
CA GLN A 19 -9.02 3.49 11.18
C GLN A 19 -7.53 3.26 10.93
N LYS A 20 -7.16 3.16 9.66
CA LYS A 20 -5.77 2.95 9.28
C LYS A 20 -4.89 4.10 9.75
N ILE A 21 -5.53 5.23 10.07
CA ILE A 21 -4.80 6.40 10.53
C ILE A 21 -3.83 6.04 11.66
N LYS A 22 -4.19 5.04 12.44
CA LYS A 22 -3.34 4.59 13.55
C LYS A 22 -2.31 3.58 13.07
N ILE A 23 -2.70 2.77 12.08
CA ILE A 23 -1.80 1.76 11.53
C ILE A 23 -0.70 2.39 10.69
N LYS A 24 -1.00 3.54 10.10
CA LYS A 24 -0.03 4.25 9.28
C LYS A 24 1.30 4.39 10.01
N ASN A 25 1.24 4.51 11.33
CA ASN A 25 2.45 4.65 12.14
C ASN A 25 3.33 3.41 12.02
N LEU A 26 2.74 2.24 12.29
CA LEU A 26 3.47 0.99 12.21
C LEU A 26 3.84 0.66 10.78
N LYS A 27 2.97 1.01 9.85
CA LYS A 27 3.20 0.76 8.43
C LYS A 27 4.33 1.64 7.90
N GLU A 28 4.45 2.84 8.46
CA GLU A 28 5.48 3.78 8.05
C GLU A 28 6.86 3.30 8.50
N GLU A 29 6.90 2.68 9.67
CA GLU A 29 8.17 2.18 10.21
C GLU A 29 8.53 0.84 9.58
N VAL A 30 7.53 0.03 9.28
CA VAL A 30 7.75 -1.27 8.66
C VAL A 30 7.98 -1.14 7.17
N LYS A 31 7.42 -0.09 6.57
CA LYS A 31 7.57 0.16 5.14
C LYS A 31 9.03 0.07 4.72
N ILE A 32 9.93 0.45 5.64
CA ILE A 32 11.35 0.42 5.36
C ILE A 32 11.78 -0.95 4.82
N LEU A 33 11.16 -2.00 5.34
CA LEU A 33 11.48 -3.36 4.92
C LEU A 33 10.65 -3.75 3.69
N GLN A 34 9.34 -3.56 3.78
CA GLN A 34 8.44 -3.89 2.67
C GLN A 34 8.93 -3.25 1.38
N ARG A 35 9.54 -2.07 1.49
CA ARG A 35 10.04 -1.35 0.33
C ARG A 35 10.90 -2.26 -0.54
N LYS A 36 11.65 -3.16 0.09
CA LYS A 36 12.51 -4.09 -0.61
C LYS A 36 11.71 -4.91 -1.61
N ILE A 37 10.52 -5.33 -1.21
CA ILE A 37 9.65 -6.13 -2.06
C ILE A 37 8.81 -5.24 -2.97
N ASP A 38 8.30 -4.16 -2.41
CA ASP A 38 7.47 -3.22 -3.17
C ASP A 38 8.17 -2.80 -4.46
N GLN A 39 9.36 -2.23 -4.33
CA GLN A 39 10.13 -1.79 -5.49
C GLN A 39 10.58 -2.98 -6.33
N GLN A 40 10.67 -4.15 -5.70
CA GLN A 40 11.10 -5.36 -6.39
C GLN A 40 10.27 -5.57 -7.66
N ILE A 41 8.96 -5.65 -7.50
CA ILE A 41 8.06 -5.86 -8.63
C ILE A 41 6.77 -5.05 -8.46
N ALA A 42 6.34 -4.89 -7.22
CA ALA A 42 5.12 -4.14 -6.91
C ALA A 42 5.15 -2.77 -7.59
N LYS A 43 6.35 -2.23 -7.77
CA LYS A 43 6.51 -0.93 -8.40
C LYS A 43 6.07 -0.97 -9.86
N GLU A 44 6.29 -2.11 -10.52
CA GLU A 44 5.93 -2.28 -11.92
C GLU A 44 4.40 -2.26 -12.08
N ARG A 45 3.71 -2.83 -11.09
CA ARG A 45 2.25 -2.88 -11.14
C ARG A 45 1.64 -1.53 -10.77
N VAL A 46 1.92 -0.53 -11.58
CA VAL A 46 1.41 0.82 -11.34
C VAL A 46 0.58 1.32 -12.53
N ILE A 47 -0.70 1.55 -12.30
CA ILE A 47 -1.59 2.03 -13.35
C ILE A 47 -1.57 3.55 -13.44
N LYS A 48 -1.69 4.09 -14.65
CA LYS A 48 -1.70 5.52 -14.86
C LYS A 48 -3.11 6.03 -15.16
N GLN A 49 -3.55 7.02 -14.41
CA GLN A 49 -4.88 7.60 -14.60
C GLN A 49 -4.89 8.55 -15.78
N GLY A 1 -18.84 -10.66 -10.89
CA GLY A 1 -18.73 -10.63 -9.44
C GLY A 1 -18.71 -9.21 -8.90
N SER A 2 -17.93 -9.01 -7.84
CA SER A 2 -17.81 -7.70 -7.22
C SER A 2 -16.64 -6.92 -7.80
N MET A 3 -16.66 -5.60 -7.61
CA MET A 3 -15.60 -4.74 -8.12
C MET A 3 -14.33 -4.91 -7.29
N LYS A 4 -13.31 -5.51 -7.88
CA LYS A 4 -12.04 -5.74 -7.21
C LYS A 4 -11.02 -4.68 -7.59
N ASN A 5 -10.26 -4.21 -6.61
CA ASN A 5 -9.24 -3.19 -6.85
C ASN A 5 -7.89 -3.83 -7.18
N TYR A 6 -7.27 -3.39 -8.27
CA TYR A 6 -5.99 -3.93 -8.68
C TYR A 6 -4.86 -2.94 -8.38
N GLN A 7 -4.86 -1.82 -9.11
CA GLN A 7 -3.84 -0.79 -8.91
C GLN A 7 -4.00 -0.11 -7.56
N PRO A 8 -2.90 0.47 -7.05
CA PRO A 8 -2.90 1.16 -5.76
C PRO A 8 -3.68 2.46 -5.80
N ASN A 9 -5.01 2.35 -5.88
CA ASN A 9 -5.87 3.53 -5.93
C ASN A 9 -5.91 4.23 -4.58
N LYS A 10 -5.74 5.55 -4.59
CA LYS A 10 -5.77 6.34 -3.37
C LYS A 10 -7.20 6.68 -2.96
N ASP A 11 -8.06 6.90 -3.94
CA ASP A 11 -9.46 7.22 -3.69
C ASP A 11 -10.15 6.07 -2.97
N LEU A 12 -9.87 4.85 -3.39
CA LEU A 12 -10.47 3.66 -2.80
C LEU A 12 -9.78 3.31 -1.48
N LEU A 13 -8.46 3.25 -1.51
CA LEU A 13 -7.68 2.92 -0.32
C LEU A 13 -7.95 3.93 0.79
N GLU A 14 -8.17 5.19 0.41
CA GLU A 14 -8.44 6.24 1.37
C GLU A 14 -9.52 5.81 2.36
N ILE A 15 -10.59 5.23 1.85
CA ILE A 15 -11.69 4.77 2.68
C ILE A 15 -11.19 3.91 3.84
N LEU A 16 -10.20 3.06 3.55
CA LEU A 16 -9.62 2.18 4.56
C LEU A 16 -8.54 2.90 5.36
N GLU A 17 -7.84 3.83 4.69
CA GLU A 17 -6.78 4.59 5.34
C GLU A 17 -7.26 5.18 6.66
N SER A 18 -8.54 5.52 6.72
CA SER A 18 -9.13 6.10 7.93
C SER A 18 -8.79 5.26 9.15
N GLN A 19 -9.21 3.99 9.11
CA GLN A 19 -8.96 3.08 10.22
C GLN A 19 -7.53 2.53 10.16
N LYS A 20 -7.03 2.32 8.96
CA LYS A 20 -5.69 1.80 8.76
C LYS A 20 -4.65 2.76 9.32
N ILE A 21 -5.06 4.00 9.55
CA ILE A 21 -4.17 5.03 10.08
C ILE A 21 -3.40 4.50 11.29
N LYS A 22 -4.03 3.61 12.04
CA LYS A 22 -3.41 3.03 13.23
C LYS A 22 -2.29 2.07 12.85
N ILE A 23 -2.65 1.03 12.09
CA ILE A 23 -1.67 0.04 11.65
C ILE A 23 -0.57 0.68 10.83
N LYS A 24 -0.91 1.74 10.11
CA LYS A 24 0.05 2.46 9.28
C LYS A 24 1.31 2.78 10.07
N ASN A 25 1.14 3.06 11.36
CA ASN A 25 2.27 3.39 12.23
C ASN A 25 3.24 2.22 12.32
N LEU A 26 2.75 1.08 12.77
CA LEU A 26 3.57 -0.12 12.91
C LEU A 26 4.03 -0.62 11.55
N LYS A 27 3.25 -0.33 10.52
CA LYS A 27 3.58 -0.74 9.16
C LYS A 27 4.73 0.09 8.60
N GLU A 28 4.65 1.40 8.83
CA GLU A 28 5.68 2.31 8.34
C GLU A 28 7.00 2.08 9.09
N GLU A 29 6.90 1.59 10.32
CA GLU A 29 8.09 1.32 11.13
C GLU A 29 8.99 0.30 10.46
N VAL A 30 8.41 -0.84 10.08
CA VAL A 30 9.16 -1.91 9.43
C VAL A 30 9.33 -1.63 7.94
N LYS A 31 8.33 -0.99 7.35
CA LYS A 31 8.36 -0.66 5.92
C LYS A 31 9.56 0.21 5.59
N ILE A 32 10.10 0.89 6.61
CA ILE A 32 11.25 1.76 6.43
C ILE A 32 12.37 1.04 5.69
N LEU A 33 12.47 -0.27 5.89
CA LEU A 33 13.49 -1.07 5.24
C LEU A 33 13.03 -1.53 3.86
N GLN A 34 11.89 -2.21 3.82
CA GLN A 34 11.33 -2.71 2.57
C GLN A 34 11.24 -1.59 1.54
N ARG A 35 11.01 -0.38 2.01
CA ARG A 35 10.90 0.78 1.12
C ARG A 35 12.09 0.84 0.16
N LYS A 36 13.24 0.38 0.62
CA LYS A 36 14.45 0.38 -0.20
C LYS A 36 14.18 -0.26 -1.56
N ILE A 37 13.64 -1.47 -1.53
CA ILE A 37 13.33 -2.19 -2.77
C ILE A 37 11.95 -1.81 -3.30
N ASP A 38 11.00 -1.64 -2.38
CA ASP A 38 9.64 -1.27 -2.76
C ASP A 38 9.64 -0.06 -3.69
N GLN A 39 10.26 1.02 -3.24
CA GLN A 39 10.33 2.24 -4.04
C GLN A 39 11.29 2.07 -5.22
N GLN A 40 12.15 1.06 -5.13
CA GLN A 40 13.12 0.80 -6.19
C GLN A 40 12.42 0.54 -7.52
N ILE A 41 11.51 -0.43 -7.52
CA ILE A 41 10.76 -0.77 -8.73
C ILE A 41 9.32 -1.14 -8.40
N ALA A 42 9.12 -1.74 -7.23
CA ALA A 42 7.78 -2.13 -6.80
C ALA A 42 6.79 -0.99 -6.92
N LYS A 43 7.30 0.24 -6.80
CA LYS A 43 6.46 1.43 -6.91
C LYS A 43 5.89 1.57 -8.32
N GLU A 44 6.67 1.15 -9.31
CA GLU A 44 6.24 1.23 -10.70
C GLU A 44 5.42 0.01 -11.09
N ARG A 45 5.78 -1.14 -10.54
CA ARG A 45 5.08 -2.38 -10.83
C ARG A 45 3.59 -2.25 -10.52
N VAL A 46 2.76 -2.88 -11.35
CA VAL A 46 1.31 -2.83 -11.17
C VAL A 46 0.83 -4.00 -10.33
N ILE A 47 0.53 -3.74 -9.06
CA ILE A 47 0.05 -4.77 -8.15
C ILE A 47 -1.37 -5.18 -8.49
N LYS A 48 -1.67 -6.46 -8.30
CA LYS A 48 -3.01 -6.97 -8.58
C LYS A 48 -3.58 -7.71 -7.36
N GLN A 49 -4.65 -7.15 -6.79
CA GLN A 49 -5.29 -7.75 -5.63
C GLN A 49 -6.74 -8.11 -5.92
N GLY A 1 5.40 -8.06 1.71
CA GLY A 1 4.24 -8.83 2.15
C GLY A 1 3.77 -9.80 1.08
N SER A 2 2.48 -9.78 0.81
CA SER A 2 1.89 -10.67 -0.19
C SER A 2 0.90 -9.92 -1.08
N MET A 3 0.05 -9.13 -0.45
CA MET A 3 -0.96 -8.35 -1.18
C MET A 3 -0.30 -7.21 -1.95
N LYS A 4 -0.67 -7.06 -3.21
CA LYS A 4 -0.13 -6.00 -4.06
C LYS A 4 -1.20 -4.98 -4.41
N ASN A 5 -0.80 -3.72 -4.49
CA ASN A 5 -1.73 -2.64 -4.82
C ASN A 5 -1.80 -2.42 -6.34
N TYR A 6 -3.01 -2.35 -6.86
CA TYR A 6 -3.22 -2.15 -8.29
C TYR A 6 -4.25 -1.05 -8.55
N GLN A 7 -3.97 -0.19 -9.51
CA GLN A 7 -4.86 0.90 -9.86
C GLN A 7 -5.03 1.86 -8.69
N PRO A 8 -5.49 3.08 -8.98
CA PRO A 8 -5.70 4.12 -7.98
C PRO A 8 -6.87 3.80 -7.05
N ASN A 9 -6.65 2.86 -6.14
CA ASN A 9 -7.69 2.46 -5.19
C ASN A 9 -7.84 3.50 -4.08
N LYS A 10 -8.34 4.68 -4.45
CA LYS A 10 -8.54 5.75 -3.50
C LYS A 10 -9.87 5.59 -2.77
N ASP A 11 -10.88 5.09 -3.48
CA ASP A 11 -12.20 4.88 -2.90
C ASP A 11 -12.15 3.86 -1.77
N LEU A 12 -11.34 2.83 -1.95
CA LEU A 12 -11.19 1.79 -0.94
C LEU A 12 -10.28 2.25 0.19
N LEU A 13 -9.11 2.77 -0.17
CA LEU A 13 -8.15 3.26 0.82
C LEU A 13 -8.74 4.40 1.65
N GLU A 14 -9.58 5.21 1.01
CA GLU A 14 -10.22 6.34 1.69
C GLU A 14 -10.87 5.88 3.00
N ILE A 15 -11.77 4.91 2.90
CA ILE A 15 -12.46 4.39 4.07
C ILE A 15 -11.46 3.87 5.12
N LEU A 16 -10.36 3.30 4.64
CA LEU A 16 -9.33 2.77 5.53
C LEU A 16 -8.55 3.90 6.18
N GLU A 17 -8.51 5.06 5.53
CA GLU A 17 -7.79 6.21 6.04
C GLU A 17 -8.15 6.45 7.51
N SER A 18 -9.39 6.16 7.87
CA SER A 18 -9.85 6.35 9.25
C SER A 18 -8.91 5.67 10.24
N GLN A 19 -8.73 4.36 10.07
CA GLN A 19 -7.86 3.60 10.95
C GLN A 19 -6.39 3.80 10.57
N LYS A 20 -6.15 4.06 9.30
CA LYS A 20 -4.78 4.27 8.81
C LYS A 20 -4.07 5.32 9.65
N ILE A 21 -4.83 6.22 10.24
CA ILE A 21 -4.26 7.28 11.08
C ILE A 21 -3.26 6.71 12.07
N LYS A 22 -3.72 5.79 12.91
CA LYS A 22 -2.86 5.17 13.90
C LYS A 22 -2.11 3.97 13.31
N ILE A 23 -2.84 3.14 12.57
CA ILE A 23 -2.24 1.97 11.95
C ILE A 23 -0.99 2.33 11.17
N LYS A 24 -0.95 3.55 10.65
CA LYS A 24 0.20 4.03 9.88
C LYS A 24 1.49 3.78 10.63
N ASN A 25 1.44 3.88 11.96
CA ASN A 25 2.60 3.67 12.79
C ASN A 25 3.13 2.25 12.63
N LEU A 26 2.29 1.27 12.91
CA LEU A 26 2.67 -0.13 12.78
C LEU A 26 2.98 -0.50 11.33
N LYS A 27 2.10 -0.06 10.43
CA LYS A 27 2.27 -0.34 9.01
C LYS A 27 3.59 0.25 8.50
N GLU A 28 3.99 1.38 9.06
CA GLU A 28 5.23 2.04 8.66
C GLU A 28 6.44 1.19 9.05
N GLU A 29 6.37 0.60 10.24
CA GLU A 29 7.47 -0.24 10.73
C GLU A 29 7.64 -1.48 9.86
N VAL A 30 6.52 -2.15 9.56
CA VAL A 30 6.56 -3.35 8.74
C VAL A 30 6.80 -3.00 7.27
N LYS A 31 6.43 -1.78 6.89
CA LYS A 31 6.60 -1.32 5.52
C LYS A 31 8.02 -1.62 5.02
N ILE A 32 8.98 -1.56 5.94
CA ILE A 32 10.37 -1.81 5.59
C ILE A 32 10.52 -3.12 4.82
N LEU A 33 9.67 -4.08 5.14
CA LEU A 33 9.71 -5.38 4.47
C LEU A 33 8.87 -5.37 3.20
N GLN A 34 7.73 -4.66 3.25
CA GLN A 34 6.84 -4.56 2.10
C GLN A 34 7.54 -3.87 0.94
N ARG A 35 8.17 -2.74 1.22
CA ARG A 35 8.88 -1.98 0.19
C ARG A 35 9.82 -2.88 -0.60
N LYS A 36 10.42 -3.85 0.08
CA LYS A 36 11.34 -4.78 -0.56
C LYS A 36 10.72 -5.41 -1.80
N ILE A 37 9.47 -5.86 -1.67
CA ILE A 37 8.77 -6.48 -2.78
C ILE A 37 8.05 -5.43 -3.63
N ASP A 38 7.46 -4.44 -2.96
CA ASP A 38 6.74 -3.37 -3.64
C ASP A 38 7.65 -2.71 -4.69
N GLN A 39 8.78 -2.19 -4.25
CA GLN A 39 9.72 -1.52 -5.14
C GLN A 39 10.32 -2.51 -6.14
N GLN A 40 10.21 -3.80 -5.81
CA GLN A 40 10.74 -4.85 -6.68
C GLN A 40 10.07 -4.83 -8.04
N ILE A 41 8.74 -4.87 -8.04
CA ILE A 41 7.97 -4.86 -9.28
C ILE A 41 6.73 -3.99 -9.14
N ALA A 42 6.12 -4.00 -7.97
CA ALA A 42 4.93 -3.21 -7.71
C ALA A 42 5.14 -1.76 -8.12
N LYS A 43 6.37 -1.28 -7.99
CA LYS A 43 6.71 0.09 -8.34
C LYS A 43 6.56 0.32 -9.84
N GLU A 44 6.87 -0.72 -10.63
CA GLU A 44 6.77 -0.63 -12.08
C GLU A 44 5.35 -0.93 -12.55
N ARG A 45 4.68 -1.85 -11.85
CA ARG A 45 3.32 -2.23 -12.20
C ARG A 45 2.34 -1.10 -11.88
N VAL A 46 2.20 -0.16 -12.80
CA VAL A 46 1.30 0.97 -12.61
C VAL A 46 0.28 1.04 -13.74
N ILE A 47 -0.97 0.72 -13.42
CA ILE A 47 -2.04 0.75 -14.41
C ILE A 47 -3.17 1.68 -13.96
N LYS A 48 -3.75 2.40 -14.91
CA LYS A 48 -4.85 3.32 -14.62
C LYS A 48 -6.06 3.01 -15.48
N GLN A 49 -7.23 2.95 -14.85
CA GLN A 49 -8.47 2.67 -15.56
C GLN A 49 -8.65 3.61 -16.75
N GLY A 1 1.43 -11.24 4.35
CA GLY A 1 2.54 -11.44 3.45
C GLY A 1 2.92 -10.18 2.71
N SER A 2 2.64 -10.15 1.41
CA SER A 2 2.97 -8.99 0.58
C SER A 2 1.76 -8.58 -0.26
N MET A 3 0.86 -7.82 0.35
CA MET A 3 -0.34 -7.36 -0.35
C MET A 3 -0.04 -6.10 -1.17
N LYS A 4 -0.24 -6.19 -2.48
CA LYS A 4 0.01 -5.06 -3.37
C LYS A 4 -1.30 -4.55 -3.98
N ASN A 5 -1.36 -3.26 -4.23
CA ASN A 5 -2.55 -2.65 -4.83
C ASN A 5 -2.49 -2.72 -6.35
N TYR A 6 -3.61 -3.05 -6.97
CA TYR A 6 -3.69 -3.14 -8.42
C TYR A 6 -4.34 -1.90 -9.02
N GLN A 7 -5.63 -1.73 -8.75
CA GLN A 7 -6.37 -0.58 -9.27
C GLN A 7 -6.14 0.65 -8.38
N PRO A 8 -6.42 1.83 -8.93
CA PRO A 8 -6.26 3.10 -8.21
C PRO A 8 -7.28 3.27 -7.09
N ASN A 9 -7.12 2.49 -6.02
CA ASN A 9 -8.04 2.56 -4.89
C ASN A 9 -7.63 3.67 -3.93
N LYS A 10 -7.67 4.90 -4.40
CA LYS A 10 -7.31 6.05 -3.58
C LYS A 10 -8.49 6.51 -2.74
N ASP A 11 -9.61 6.77 -3.39
CA ASP A 11 -10.82 7.22 -2.71
C ASP A 11 -11.43 6.08 -1.89
N LEU A 12 -11.68 4.96 -2.55
CA LEU A 12 -12.26 3.79 -1.88
C LEU A 12 -11.49 3.44 -0.62
N LEU A 13 -10.18 3.61 -0.67
CA LEU A 13 -9.32 3.32 0.47
C LEU A 13 -9.25 4.51 1.43
N GLU A 14 -9.38 5.71 0.87
CA GLU A 14 -9.34 6.93 1.67
C GLU A 14 -10.25 6.81 2.88
N ILE A 15 -11.46 6.31 2.67
CA ILE A 15 -12.42 6.15 3.75
C ILE A 15 -11.80 5.40 4.93
N LEU A 16 -11.00 4.39 4.63
CA LEU A 16 -10.35 3.59 5.67
C LEU A 16 -9.05 4.25 6.11
N GLU A 17 -8.40 4.95 5.19
CA GLU A 17 -7.14 5.63 5.50
C GLU A 17 -7.27 6.46 6.77
N SER A 18 -8.46 6.99 7.01
CA SER A 18 -8.71 7.80 8.20
C SER A 18 -8.19 7.11 9.46
N GLN A 19 -8.70 5.91 9.72
CA GLN A 19 -8.30 5.14 10.88
C GLN A 19 -6.96 4.46 10.64
N LYS A 20 -6.66 4.15 9.38
CA LYS A 20 -5.42 3.50 9.02
C LYS A 20 -4.22 4.29 9.52
N ILE A 21 -4.42 5.58 9.75
CA ILE A 21 -3.36 6.45 10.25
C ILE A 21 -2.61 5.81 11.41
N LYS A 22 -3.35 5.06 12.23
CA LYS A 22 -2.76 4.39 13.39
C LYS A 22 -1.98 3.16 12.95
N ILE A 23 -2.66 2.22 12.31
CA ILE A 23 -2.02 0.99 11.84
C ILE A 23 -0.82 1.31 10.95
N LYS A 24 -0.85 2.47 10.32
CA LYS A 24 0.23 2.89 9.44
C LYS A 24 1.59 2.74 10.13
N ASN A 25 1.59 2.86 11.45
CA ASN A 25 2.82 2.73 12.23
C ASN A 25 3.32 1.29 12.22
N LEU A 26 2.41 0.35 12.43
CA LEU A 26 2.76 -1.06 12.44
C LEU A 26 2.91 -1.60 11.02
N LYS A 27 2.29 -0.91 10.06
CA LYS A 27 2.36 -1.32 8.67
C LYS A 27 3.62 -0.76 8.00
N GLU A 28 3.98 0.47 8.36
CA GLU A 28 5.15 1.11 7.80
C GLU A 28 6.44 0.49 8.36
N GLU A 29 6.38 0.07 9.61
CA GLU A 29 7.53 -0.54 10.27
C GLU A 29 7.80 -1.94 9.71
N VAL A 30 6.72 -2.64 9.35
CA VAL A 30 6.84 -3.99 8.81
C VAL A 30 7.07 -3.95 7.30
N LYS A 31 6.47 -2.97 6.64
CA LYS A 31 6.60 -2.82 5.20
C LYS A 31 7.95 -2.20 4.84
N ILE A 32 8.57 -1.55 5.81
CA ILE A 32 9.87 -0.92 5.60
C ILE A 32 10.85 -1.87 4.93
N LEU A 33 10.70 -3.16 5.23
CA LEU A 33 11.57 -4.18 4.65
C LEU A 33 11.03 -4.65 3.30
N GLN A 34 9.71 -4.78 3.19
CA GLN A 34 9.08 -5.21 1.96
C GLN A 34 9.27 -4.17 0.86
N ARG A 35 9.43 -2.91 1.25
CA ARG A 35 9.62 -1.83 0.30
C ARG A 35 10.68 -2.20 -0.74
N LYS A 36 11.70 -2.92 -0.30
CA LYS A 36 12.78 -3.34 -1.18
C LYS A 36 12.23 -4.09 -2.39
N ILE A 37 11.28 -4.98 -2.15
CA ILE A 37 10.66 -5.75 -3.22
C ILE A 37 9.51 -4.99 -3.87
N ASP A 38 8.71 -4.34 -3.03
CA ASP A 38 7.57 -3.57 -3.52
C ASP A 38 8.00 -2.55 -4.57
N GLN A 39 8.91 -1.67 -4.18
CA GLN A 39 9.41 -0.65 -5.09
C GLN A 39 10.17 -1.26 -6.26
N GLN A 40 10.58 -2.52 -6.09
CA GLN A 40 11.32 -3.23 -7.13
C GLN A 40 10.48 -3.35 -8.39
N ILE A 41 9.28 -3.89 -8.25
CA ILE A 41 8.38 -4.06 -9.39
C ILE A 41 6.95 -3.71 -9.01
N ALA A 42 6.56 -4.04 -7.78
CA ALA A 42 5.22 -3.76 -7.30
C ALA A 42 4.84 -2.30 -7.54
N LYS A 43 5.84 -1.43 -7.47
CA LYS A 43 5.61 0.01 -7.67
C LYS A 43 5.30 0.30 -9.14
N GLU A 44 5.91 -0.47 -10.03
CA GLU A 44 5.70 -0.29 -11.46
C GLU A 44 4.36 -0.88 -11.89
N ARG A 45 3.98 -1.99 -11.27
CA ARG A 45 2.71 -2.65 -11.58
C ARG A 45 1.53 -1.90 -10.95
N VAL A 46 1.28 -0.69 -11.43
CA VAL A 46 0.19 0.12 -10.93
C VAL A 46 -0.78 0.51 -12.04
N ILE A 47 -2.02 0.05 -11.92
CA ILE A 47 -3.04 0.35 -12.93
C ILE A 47 -3.55 1.78 -12.77
N LYS A 48 -3.67 2.48 -13.88
CA LYS A 48 -4.15 3.85 -13.88
C LYS A 48 -4.19 4.44 -15.29
N GLN A 49 -5.39 4.56 -15.84
CA GLN A 49 -5.56 5.10 -17.19
C GLN A 49 -4.67 4.36 -18.18
N GLY A 1 1.84 -12.26 4.53
CA GLY A 1 2.90 -12.30 3.54
C GLY A 1 3.23 -10.93 2.99
N SER A 2 2.99 -10.74 1.70
CA SER A 2 3.27 -9.46 1.05
C SER A 2 1.99 -8.85 0.50
N MET A 3 1.93 -7.51 0.53
CA MET A 3 0.77 -6.79 0.04
C MET A 3 0.85 -6.59 -1.48
N LYS A 4 -0.27 -6.79 -2.16
CA LYS A 4 -0.32 -6.62 -3.60
C LYS A 4 -1.01 -5.31 -3.97
N ASN A 5 -0.75 -4.84 -5.19
CA ASN A 5 -1.35 -3.59 -5.68
C ASN A 5 -2.73 -3.84 -6.29
N TYR A 6 -3.66 -2.94 -6.03
CA TYR A 6 -5.01 -3.07 -6.55
C TYR A 6 -5.49 -1.75 -7.16
N GLN A 7 -4.56 -1.00 -7.73
CA GLN A 7 -4.88 0.27 -8.35
C GLN A 7 -5.41 1.26 -7.31
N PRO A 8 -5.36 2.55 -7.66
CA PRO A 8 -5.82 3.63 -6.76
C PRO A 8 -7.34 3.63 -6.60
N ASN A 9 -7.86 2.59 -5.95
CA ASN A 9 -9.31 2.47 -5.73
C ASN A 9 -9.75 3.38 -4.59
N LYS A 10 -10.33 4.52 -4.95
CA LYS A 10 -10.81 5.48 -3.96
C LYS A 10 -11.93 4.88 -3.12
N ASP A 11 -12.76 4.04 -3.74
CA ASP A 11 -13.86 3.40 -3.05
C ASP A 11 -13.35 2.52 -1.91
N LEU A 12 -12.30 1.76 -2.19
CA LEU A 12 -11.71 0.88 -1.18
C LEU A 12 -10.84 1.66 -0.21
N LEU A 13 -9.96 2.50 -0.75
CA LEU A 13 -9.06 3.30 0.07
C LEU A 13 -9.85 4.17 1.05
N GLU A 14 -10.94 4.76 0.57
CA GLU A 14 -11.78 5.60 1.40
C GLU A 14 -12.16 4.90 2.70
N ILE A 15 -12.33 3.58 2.61
CA ILE A 15 -12.69 2.78 3.78
C ILE A 15 -11.45 2.44 4.61
N LEU A 16 -10.32 2.30 3.94
CA LEU A 16 -9.06 1.97 4.62
C LEU A 16 -8.54 3.17 5.39
N GLU A 17 -8.75 4.36 4.84
CA GLU A 17 -8.30 5.59 5.48
C GLU A 17 -8.73 5.64 6.94
N SER A 18 -9.89 5.06 7.23
CA SER A 18 -10.42 5.03 8.59
C SER A 18 -9.40 4.44 9.56
N GLN A 19 -8.98 3.21 9.29
CA GLN A 19 -8.01 2.53 10.14
C GLN A 19 -6.60 3.02 9.86
N LYS A 20 -6.39 3.54 8.65
CA LYS A 20 -5.08 4.04 8.25
C LYS A 20 -4.53 5.02 9.29
N ILE A 21 -5.44 5.68 10.00
CA ILE A 21 -5.04 6.64 11.03
C ILE A 21 -3.99 6.03 11.96
N LYS A 22 -4.33 4.92 12.59
CA LYS A 22 -3.42 4.25 13.50
C LYS A 22 -2.49 3.31 12.75
N ILE A 23 -3.05 2.54 11.82
CA ILE A 23 -2.27 1.60 11.03
C ILE A 23 -1.06 2.29 10.39
N LYS A 24 -1.20 3.58 10.12
CA LYS A 24 -0.12 4.36 9.53
C LYS A 24 1.20 4.09 10.22
N ASN A 25 1.14 3.88 11.54
CA ASN A 25 2.34 3.60 12.32
C ASN A 25 3.03 2.33 11.84
N LEU A 26 2.28 1.24 11.79
CA LEU A 26 2.81 -0.04 11.33
C LEU A 26 3.11 -0.01 9.84
N LYS A 27 2.34 0.78 9.10
CA LYS A 27 2.53 0.90 7.66
C LYS A 27 3.81 1.65 7.34
N GLU A 28 4.10 2.68 8.12
CA GLU A 28 5.30 3.48 7.91
C GLU A 28 6.55 2.70 8.32
N GLU A 29 6.38 1.77 9.25
CA GLU A 29 7.50 0.96 9.74
C GLU A 29 7.72 -0.25 8.82
N VAL A 30 6.63 -0.85 8.38
CA VAL A 30 6.70 -2.01 7.50
C VAL A 30 7.03 -1.61 6.07
N LYS A 31 6.72 -0.35 5.74
CA LYS A 31 6.99 0.16 4.40
C LYS A 31 8.45 -0.09 4.00
N ILE A 32 9.34 -0.03 4.98
CA ILE A 32 10.76 -0.26 4.73
C ILE A 32 11.03 -1.70 4.33
N LEU A 33 10.23 -2.62 4.86
CA LEU A 33 10.38 -4.04 4.56
C LEU A 33 9.65 -4.40 3.27
N GLN A 34 8.40 -3.95 3.16
CA GLN A 34 7.59 -4.22 1.98
C GLN A 34 8.25 -3.64 0.72
N ARG A 35 8.95 -2.52 0.90
CA ARG A 35 9.62 -1.86 -0.21
C ARG A 35 10.46 -2.86 -1.02
N LYS A 36 11.07 -3.82 -0.31
CA LYS A 36 11.89 -4.82 -0.96
C LYS A 36 11.10 -5.59 -2.01
N ILE A 37 9.83 -5.85 -1.71
CA ILE A 37 8.97 -6.57 -2.63
C ILE A 37 8.31 -5.63 -3.64
N ASP A 38 7.91 -4.45 -3.16
CA ASP A 38 7.28 -3.46 -4.01
C ASP A 38 8.12 -3.20 -5.26
N GLN A 39 9.39 -2.85 -5.06
CA GLN A 39 10.29 -2.59 -6.17
C GLN A 39 10.66 -3.88 -6.90
N GLN A 40 10.49 -5.01 -6.22
CA GLN A 40 10.81 -6.30 -6.80
C GLN A 40 10.06 -6.51 -8.10
N ILE A 41 8.73 -6.41 -8.04
CA ILE A 41 7.90 -6.58 -9.22
C ILE A 41 6.72 -5.61 -9.21
N ALA A 42 6.23 -5.30 -8.02
CA ALA A 42 5.10 -4.39 -7.86
C ALA A 42 5.33 -3.10 -8.63
N LYS A 43 6.60 -2.73 -8.82
CA LYS A 43 6.96 -1.52 -9.55
C LYS A 43 6.56 -1.63 -11.01
N GLU A 44 6.64 -2.85 -11.55
CA GLU A 44 6.28 -3.09 -12.95
C GLU A 44 4.85 -2.67 -13.23
N ARG A 45 3.98 -2.87 -12.24
CA ARG A 45 2.57 -2.52 -12.38
C ARG A 45 2.09 -1.70 -11.19
N VAL A 46 2.51 -0.43 -11.14
CA VAL A 46 2.14 0.45 -10.04
C VAL A 46 1.44 1.71 -10.57
N ILE A 47 0.12 1.74 -10.46
CA ILE A 47 -0.65 2.88 -10.92
C ILE A 47 -0.94 3.85 -9.79
N LYS A 48 -0.53 5.10 -9.96
CA LYS A 48 -0.74 6.13 -8.96
C LYS A 48 -0.55 7.53 -9.55
N GLN A 49 -1.66 8.23 -9.76
CA GLN A 49 -1.60 9.58 -10.32
C GLN A 49 -1.12 10.58 -9.29
N GLY A 1 -2.26 -12.14 4.43
CA GLY A 1 -2.82 -11.82 3.14
C GLY A 1 -2.68 -10.36 2.77
N SER A 2 -1.44 -9.92 2.62
CA SER A 2 -1.17 -8.52 2.27
C SER A 2 -1.65 -8.21 0.86
N MET A 3 -2.39 -7.11 0.72
CA MET A 3 -2.91 -6.71 -0.58
C MET A 3 -1.84 -5.94 -1.38
N LYS A 4 -1.91 -6.06 -2.70
CA LYS A 4 -0.96 -5.39 -3.57
C LYS A 4 -1.62 -4.21 -4.29
N ASN A 5 -0.79 -3.30 -4.80
CA ASN A 5 -1.30 -2.13 -5.51
C ASN A 5 -1.43 -2.41 -7.00
N TYR A 6 -2.66 -2.70 -7.43
CA TYR A 6 -2.93 -2.99 -8.84
C TYR A 6 -3.62 -1.82 -9.52
N GLN A 7 -4.58 -1.23 -8.81
CA GLN A 7 -5.33 -0.10 -9.35
C GLN A 7 -5.27 1.09 -8.41
N PRO A 8 -5.43 2.30 -8.97
CA PRO A 8 -5.39 3.55 -8.19
C PRO A 8 -6.60 3.70 -7.28
N ASN A 9 -6.69 2.85 -6.26
CA ASN A 9 -7.79 2.89 -5.31
C ASN A 9 -7.53 3.91 -4.21
N LYS A 10 -7.82 5.17 -4.50
CA LYS A 10 -7.62 6.24 -3.53
C LYS A 10 -8.80 6.36 -2.59
N ASP A 11 -10.00 6.49 -3.16
CA ASP A 11 -11.22 6.61 -2.36
C ASP A 11 -11.57 5.28 -1.72
N LEU A 12 -11.51 4.20 -2.50
CA LEU A 12 -11.82 2.87 -2.00
C LEU A 12 -11.04 2.57 -0.72
N LEU A 13 -9.76 2.94 -0.71
CA LEU A 13 -8.92 2.71 0.45
C LEU A 13 -9.07 3.85 1.47
N GLU A 14 -9.32 5.05 0.96
CA GLU A 14 -9.49 6.21 1.83
C GLU A 14 -10.48 5.91 2.95
N ILE A 15 -11.62 5.32 2.59
CA ILE A 15 -12.65 4.99 3.56
C ILE A 15 -12.07 4.20 4.73
N LEU A 16 -11.13 3.32 4.43
CA LEU A 16 -10.49 2.49 5.45
C LEU A 16 -9.33 3.24 6.11
N GLU A 17 -8.72 4.15 5.35
CA GLU A 17 -7.60 4.93 5.85
C GLU A 17 -7.93 5.54 7.21
N SER A 18 -9.21 5.87 7.41
CA SER A 18 -9.65 6.47 8.67
C SER A 18 -9.19 5.63 9.86
N GLN A 19 -9.59 4.37 9.88
CA GLN A 19 -9.22 3.46 10.96
C GLN A 19 -7.80 2.93 10.76
N LYS A 20 -7.41 2.74 9.50
CA LYS A 20 -6.09 2.23 9.18
C LYS A 20 -5.01 3.17 9.71
N ILE A 21 -5.40 4.41 9.98
CA ILE A 21 -4.46 5.41 10.49
C ILE A 21 -3.63 4.84 11.64
N LYS A 22 -4.23 3.95 12.41
CA LYS A 22 -3.55 3.33 13.55
C LYS A 22 -2.48 2.34 13.07
N ILE A 23 -2.91 1.33 12.31
CA ILE A 23 -1.99 0.32 11.80
C ILE A 23 -0.91 0.97 10.93
N LYS A 24 -1.25 2.08 10.30
CA LYS A 24 -0.31 2.79 9.45
C LYS A 24 1.03 2.99 10.15
N ASN A 25 0.97 3.17 11.47
CA ASN A 25 2.19 3.36 12.26
C ASN A 25 3.10 2.14 12.17
N LEU A 26 2.55 0.98 12.47
CA LEU A 26 3.33 -0.27 12.42
C LEU A 26 3.67 -0.63 10.98
N LYS A 27 2.71 -0.46 10.08
CA LYS A 27 2.91 -0.76 8.67
C LYS A 27 3.99 0.13 8.07
N GLU A 28 4.07 1.37 8.57
CA GLU A 28 5.06 2.32 8.07
C GLU A 28 6.47 1.94 8.54
N GLU A 29 6.55 1.39 9.75
CA GLU A 29 7.83 0.97 10.31
C GLU A 29 8.34 -0.30 9.63
N VAL A 30 7.42 -1.22 9.35
CA VAL A 30 7.77 -2.48 8.70
C VAL A 30 7.94 -2.29 7.20
N LYS A 31 7.20 -1.34 6.64
CA LYS A 31 7.27 -1.07 5.21
C LYS A 31 8.72 -0.87 4.76
N ILE A 32 9.56 -0.38 5.67
CA ILE A 32 10.96 -0.15 5.37
C ILE A 32 11.59 -1.38 4.74
N LEU A 33 11.15 -2.56 5.18
CA LEU A 33 11.68 -3.82 4.67
C LEU A 33 10.94 -4.24 3.40
N GLN A 34 9.62 -4.27 3.47
CA GLN A 34 8.79 -4.66 2.33
C GLN A 34 9.16 -3.84 1.10
N ARG A 35 9.53 -2.57 1.32
CA ARG A 35 9.90 -1.69 0.22
C ARG A 35 10.94 -2.35 -0.67
N LYS A 36 11.84 -3.12 -0.08
CA LYS A 36 12.88 -3.80 -0.82
C LYS A 36 12.29 -4.73 -1.88
N ILE A 37 11.20 -5.41 -1.51
CA ILE A 37 10.52 -6.32 -2.42
C ILE A 37 9.53 -5.58 -3.31
N ASP A 38 8.91 -4.54 -2.76
CA ASP A 38 7.94 -3.75 -3.50
C ASP A 38 8.56 -3.16 -4.75
N GLN A 39 9.70 -2.50 -4.59
CA GLN A 39 10.41 -1.88 -5.70
C GLN A 39 10.89 -2.94 -6.69
N GLN A 40 10.92 -4.18 -6.25
CA GLN A 40 11.36 -5.29 -7.09
C GLN A 40 10.42 -5.48 -8.28
N ILE A 41 9.12 -5.61 -7.98
CA ILE A 41 8.12 -5.79 -9.02
C ILE A 41 6.87 -4.97 -8.72
N ALA A 42 6.53 -4.87 -7.45
CA ALA A 42 5.35 -4.11 -7.02
C ALA A 42 5.36 -2.71 -7.62
N LYS A 43 6.55 -2.15 -7.81
CA LYS A 43 6.71 -0.82 -8.38
C LYS A 43 6.31 -0.81 -9.84
N GLU A 44 6.57 -1.91 -10.54
CA GLU A 44 6.24 -2.03 -11.95
C GLU A 44 4.74 -2.15 -12.15
N ARG A 45 4.08 -2.84 -11.23
CA ARG A 45 2.63 -3.03 -11.30
C ARG A 45 1.90 -1.77 -10.88
N VAL A 46 1.96 -0.74 -11.72
CA VAL A 46 1.30 0.52 -11.44
C VAL A 46 0.33 0.90 -12.55
N ILE A 47 -0.95 0.96 -12.21
CA ILE A 47 -1.99 1.31 -13.19
C ILE A 47 -2.38 2.78 -13.06
N LYS A 48 -2.26 3.51 -14.16
CA LYS A 48 -2.61 4.93 -14.18
C LYS A 48 -2.83 5.42 -15.61
N GLN A 49 -4.09 5.63 -15.96
CA GLN A 49 -4.43 6.10 -17.29
C GLN A 49 -3.63 7.34 -17.67
N GLY A 1 0.38 -7.00 9.23
CA GLY A 1 0.19 -6.01 8.17
C GLY A 1 0.44 -6.58 6.79
N SER A 2 1.56 -6.21 6.18
CA SER A 2 1.91 -6.68 4.85
C SER A 2 0.82 -6.33 3.85
N MET A 3 0.37 -5.08 3.90
CA MET A 3 -0.68 -4.60 3.00
C MET A 3 -0.11 -4.36 1.60
N LYS A 4 -0.94 -4.58 0.58
CA LYS A 4 -0.52 -4.39 -0.80
C LYS A 4 -1.29 -3.23 -1.44
N ASN A 5 -0.69 -2.61 -2.46
CA ASN A 5 -1.32 -1.50 -3.16
C ASN A 5 -1.14 -1.63 -4.66
N TYR A 6 -2.23 -1.98 -5.35
CA TYR A 6 -2.19 -2.14 -6.80
C TYR A 6 -3.37 -1.42 -7.46
N GLN A 7 -3.09 -0.74 -8.56
CA GLN A 7 -4.12 -0.01 -9.28
C GLN A 7 -4.70 1.11 -8.43
N PRO A 8 -5.35 2.09 -9.08
CA PRO A 8 -5.97 3.23 -8.40
C PRO A 8 -7.18 2.82 -7.58
N ASN A 9 -6.95 2.18 -6.45
CA ASN A 9 -8.03 1.74 -5.57
C ASN A 9 -8.45 2.87 -4.63
N LYS A 10 -9.35 3.72 -5.11
CA LYS A 10 -9.84 4.84 -4.31
C LYS A 10 -10.99 4.40 -3.40
N ASP A 11 -11.91 3.62 -3.96
CA ASP A 11 -13.05 3.12 -3.20
C ASP A 11 -12.61 2.05 -2.20
N LEU A 12 -11.64 1.25 -2.60
CA LEU A 12 -11.14 0.18 -1.74
C LEU A 12 -10.31 0.75 -0.59
N LEU A 13 -9.51 1.77 -0.90
CA LEU A 13 -8.66 2.42 0.11
C LEU A 13 -9.48 3.38 0.97
N GLU A 14 -10.50 3.99 0.36
CA GLU A 14 -11.35 4.93 1.07
C GLU A 14 -11.84 4.34 2.39
N ILE A 15 -12.53 3.21 2.31
CA ILE A 15 -13.06 2.55 3.49
C ILE A 15 -11.94 2.21 4.47
N LEU A 16 -10.76 1.91 3.94
CA LEU A 16 -9.60 1.57 4.77
C LEU A 16 -9.05 2.82 5.46
N GLU A 17 -9.28 3.98 4.85
CA GLU A 17 -8.80 5.23 5.42
C GLU A 17 -9.16 5.33 6.90
N SER A 18 -10.30 4.76 7.26
CA SER A 18 -10.77 4.79 8.64
C SER A 18 -9.70 4.26 9.59
N GLN A 19 -9.26 3.02 9.35
CA GLN A 19 -8.24 2.40 10.19
C GLN A 19 -6.86 2.90 9.81
N LYS A 20 -6.70 3.32 8.56
CA LYS A 20 -5.42 3.82 8.06
C LYS A 20 -4.85 4.87 9.02
N ILE A 21 -5.74 5.59 9.70
CA ILE A 21 -5.33 6.62 10.63
C ILE A 21 -4.22 6.12 11.56
N LYS A 22 -4.55 5.09 12.34
CA LYS A 22 -3.58 4.52 13.27
C LYS A 22 -2.71 3.48 12.57
N ILE A 23 -3.35 2.63 11.76
CA ILE A 23 -2.64 1.59 11.03
C ILE A 23 -1.44 2.16 10.28
N LYS A 24 -1.56 3.42 9.87
CA LYS A 24 -0.50 4.10 9.13
C LYS A 24 0.85 3.89 9.82
N ASN A 25 0.84 3.83 11.15
CA ASN A 25 2.06 3.63 11.92
C ASN A 25 2.71 2.29 11.58
N LEU A 26 1.89 1.24 11.55
CA LEU A 26 2.37 -0.10 11.24
C LEU A 26 2.70 -0.23 9.76
N LYS A 27 1.98 0.53 8.93
CA LYS A 27 2.19 0.50 7.49
C LYS A 27 3.48 1.22 7.11
N GLU A 28 3.76 2.32 7.81
CA GLU A 28 4.97 3.10 7.55
C GLU A 28 6.21 2.37 8.04
N GLU A 29 6.03 1.51 9.05
CA GLU A 29 7.14 0.75 9.61
C GLU A 29 7.38 -0.53 8.82
N VAL A 30 6.28 -1.16 8.40
CA VAL A 30 6.37 -2.40 7.63
C VAL A 30 6.72 -2.12 6.17
N LYS A 31 6.36 -0.93 5.70
CA LYS A 31 6.63 -0.54 4.33
C LYS A 31 8.09 -0.79 3.97
N ILE A 32 8.97 -0.66 4.96
CA ILE A 32 10.39 -0.88 4.74
C ILE A 32 10.65 -2.22 4.05
N LEU A 33 9.84 -3.22 4.39
CA LEU A 33 9.98 -4.55 3.79
C LEU A 33 9.19 -4.65 2.49
N GLN A 34 8.05 -3.96 2.43
CA GLN A 34 7.22 -3.97 1.25
C GLN A 34 8.04 -3.61 0.00
N ARG A 35 8.99 -2.70 0.17
CA ARG A 35 9.84 -2.28 -0.93
C ARG A 35 10.46 -3.48 -1.64
N LYS A 36 10.76 -4.52 -0.88
CA LYS A 36 11.35 -5.74 -1.44
C LYS A 36 10.42 -6.36 -2.46
N ILE A 37 9.12 -6.29 -2.21
CA ILE A 37 8.13 -6.86 -3.12
C ILE A 37 7.77 -5.86 -4.22
N ASP A 38 7.60 -4.60 -3.84
CA ASP A 38 7.25 -3.56 -4.80
C ASP A 38 8.24 -3.53 -5.96
N GLN A 39 9.52 -3.34 -5.64
CA GLN A 39 10.56 -3.31 -6.66
C GLN A 39 10.69 -4.65 -7.36
N GLN A 40 10.24 -5.71 -6.69
CA GLN A 40 10.31 -7.05 -7.26
C GLN A 40 9.61 -7.10 -8.62
N ILE A 41 8.35 -6.70 -8.65
CA ILE A 41 7.58 -6.70 -9.89
C ILE A 41 6.73 -5.44 -10.01
N ALA A 42 6.22 -4.97 -8.88
CA ALA A 42 5.39 -3.77 -8.86
C ALA A 42 6.10 -2.60 -9.53
N LYS A 43 7.43 -2.66 -9.57
CA LYS A 43 8.22 -1.61 -10.19
C LYS A 43 7.95 -1.54 -11.70
N GLU A 44 7.52 -2.65 -12.27
CA GLU A 44 7.22 -2.72 -13.69
C GLU A 44 6.18 -1.66 -14.08
N ARG A 45 5.26 -1.38 -13.17
CA ARG A 45 4.22 -0.39 -13.41
C ARG A 45 3.35 -0.19 -12.17
N VAL A 46 3.32 1.03 -11.66
CA VAL A 46 2.54 1.35 -10.48
C VAL A 46 1.55 2.47 -10.76
N ILE A 47 0.29 2.11 -10.95
CA ILE A 47 -0.76 3.08 -11.23
C ILE A 47 -1.65 3.31 -10.01
N LYS A 48 -1.74 4.56 -9.57
CA LYS A 48 -2.56 4.91 -8.42
C LYS A 48 -2.92 6.39 -8.44
N GLN A 49 -4.20 6.69 -8.22
CA GLN A 49 -4.68 8.06 -8.20
C GLN A 49 -4.59 8.65 -6.80
N GLY A 1 -15.40 -12.77 -17.74
CA GLY A 1 -14.21 -12.75 -16.91
C GLY A 1 -13.25 -11.65 -17.31
N SER A 2 -11.98 -12.01 -17.53
CA SER A 2 -10.97 -11.05 -17.92
C SER A 2 -10.84 -9.96 -16.85
N MET A 3 -10.92 -10.36 -15.59
CA MET A 3 -10.81 -9.42 -14.48
C MET A 3 -9.35 -9.16 -14.13
N LYS A 4 -8.90 -7.93 -14.36
CA LYS A 4 -7.51 -7.55 -14.06
C LYS A 4 -7.45 -6.58 -12.90
N ASN A 5 -6.34 -6.61 -12.17
CA ASN A 5 -6.16 -5.72 -11.01
C ASN A 5 -5.57 -4.39 -11.45
N TYR A 6 -6.26 -3.30 -11.10
CA TYR A 6 -5.79 -1.97 -11.45
C TYR A 6 -5.14 -1.28 -10.25
N GLN A 7 -5.91 -1.15 -9.17
CA GLN A 7 -5.41 -0.51 -7.96
C GLN A 7 -5.41 -1.48 -6.78
N PRO A 8 -4.55 -1.22 -5.80
CA PRO A 8 -4.42 -2.07 -4.61
C PRO A 8 -5.63 -1.97 -3.70
N ASN A 9 -6.78 -2.40 -4.20
CA ASN A 9 -8.03 -2.35 -3.43
C ASN A 9 -8.11 -1.06 -2.62
N LYS A 10 -7.87 0.07 -3.28
CA LYS A 10 -7.93 1.37 -2.62
C LYS A 10 -9.34 1.67 -2.14
N ASP A 11 -10.33 1.18 -2.87
CA ASP A 11 -11.72 1.41 -2.51
C ASP A 11 -12.06 0.73 -1.19
N LEU A 12 -11.61 -0.51 -1.02
CA LEU A 12 -11.86 -1.27 0.19
C LEU A 12 -10.92 -0.83 1.31
N LEU A 13 -9.65 -0.62 0.96
CA LEU A 13 -8.66 -0.19 1.94
C LEU A 13 -8.97 1.20 2.47
N GLU A 14 -9.52 2.05 1.61
CA GLU A 14 -9.87 3.41 1.99
C GLU A 14 -10.68 3.42 3.28
N ILE A 15 -11.56 2.43 3.43
CA ILE A 15 -12.40 2.32 4.62
C ILE A 15 -11.55 2.18 5.88
N LEU A 16 -10.46 1.42 5.76
CA LEU A 16 -9.57 1.20 6.89
C LEU A 16 -8.60 2.37 7.06
N GLU A 17 -8.27 3.03 5.94
CA GLU A 17 -7.36 4.16 5.97
C GLU A 17 -7.77 5.17 7.03
N SER A 18 -9.08 5.27 7.27
CA SER A 18 -9.61 6.19 8.27
C SER A 18 -8.88 6.04 9.59
N GLN A 19 -8.92 4.84 10.15
CA GLN A 19 -8.26 4.55 11.42
C GLN A 19 -6.76 4.35 11.23
N LYS A 20 -6.39 3.80 10.08
CA LYS A 20 -4.98 3.55 9.76
C LYS A 20 -4.19 4.85 9.77
N ILE A 21 -4.90 5.97 9.65
CA ILE A 21 -4.26 7.28 9.64
C ILE A 21 -3.28 7.42 10.81
N LYS A 22 -3.59 6.75 11.92
CA LYS A 22 -2.75 6.80 13.11
C LYS A 22 -1.63 5.76 13.01
N ILE A 23 -1.95 4.61 12.42
CA ILE A 23 -0.97 3.54 12.27
C ILE A 23 0.10 3.91 11.25
N LYS A 24 -0.28 4.76 10.29
CA LYS A 24 0.65 5.19 9.25
C LYS A 24 1.97 5.65 9.85
N ASN A 25 1.91 6.20 11.06
CA ASN A 25 3.11 6.68 11.75
C ASN A 25 4.00 5.52 12.14
N LEU A 26 3.46 4.60 12.93
CA LEU A 26 4.22 3.44 13.38
C LEU A 26 4.67 2.59 12.20
N LYS A 27 3.83 2.51 11.18
CA LYS A 27 4.14 1.73 9.99
C LYS A 27 5.19 2.45 9.14
N GLU A 28 5.14 3.78 9.13
CA GLU A 28 6.10 4.57 8.36
C GLU A 28 7.53 4.33 8.86
N GLU A 29 7.67 4.15 10.17
CA GLU A 29 8.97 3.91 10.77
C GLU A 29 9.64 2.67 10.17
N VAL A 30 8.94 1.54 10.26
CA VAL A 30 9.45 0.28 9.74
C VAL A 30 9.40 0.26 8.22
N LYS A 31 8.51 1.05 7.64
CA LYS A 31 8.37 1.13 6.20
C LYS A 31 9.71 1.36 5.52
N ILE A 32 10.61 2.04 6.24
CA ILE A 32 11.93 2.33 5.70
C ILE A 32 12.60 1.06 5.16
N LEU A 33 12.30 -0.07 5.80
CA LEU A 33 12.87 -1.34 5.39
C LEU A 33 12.02 -1.99 4.30
N GLN A 34 10.71 -1.98 4.49
CA GLN A 34 9.79 -2.56 3.52
C GLN A 34 9.94 -1.90 2.16
N ARG A 35 10.30 -0.62 2.17
CA ARG A 35 10.48 0.14 0.94
C ARG A 35 11.54 -0.51 0.05
N LYS A 36 12.55 -1.09 0.67
CA LYS A 36 13.64 -1.74 -0.05
C LYS A 36 13.09 -2.86 -0.94
N ILE A 37 12.49 -3.87 -0.31
CA ILE A 37 11.93 -4.99 -1.05
C ILE A 37 10.72 -4.56 -1.87
N ASP A 38 10.03 -3.53 -1.40
CA ASP A 38 8.85 -3.02 -2.08
C ASP A 38 9.17 -2.70 -3.53
N GLN A 39 10.31 -2.04 -3.77
CA GLN A 39 10.72 -1.66 -5.11
C GLN A 39 11.10 -2.90 -5.92
N GLN A 40 11.31 -4.01 -5.23
CA GLN A 40 11.68 -5.26 -5.89
C GLN A 40 10.53 -5.78 -6.76
N ILE A 41 9.35 -5.86 -6.17
CA ILE A 41 8.17 -6.34 -6.88
C ILE A 41 6.94 -5.50 -6.55
N ALA A 42 6.83 -5.10 -5.28
CA ALA A 42 5.71 -4.29 -4.83
C ALA A 42 5.53 -3.06 -5.71
N LYS A 43 6.62 -2.64 -6.35
CA LYS A 43 6.58 -1.47 -7.22
C LYS A 43 5.70 -1.73 -8.44
N GLU A 44 5.69 -2.97 -8.91
CA GLU A 44 4.89 -3.35 -10.06
C GLU A 44 3.43 -3.56 -9.67
N ARG A 45 3.21 -4.10 -8.47
CA ARG A 45 1.87 -4.35 -7.98
C ARG A 45 1.08 -3.06 -7.86
N VAL A 46 1.74 -2.00 -7.40
CA VAL A 46 1.10 -0.70 -7.25
C VAL A 46 1.28 0.16 -8.49
N ILE A 47 0.19 0.32 -9.25
CA ILE A 47 0.24 1.12 -10.47
C ILE A 47 0.36 2.61 -10.15
N LYS A 48 1.23 3.29 -10.88
CA LYS A 48 1.43 4.73 -10.67
C LYS A 48 1.04 5.51 -11.93
N GLN A 49 0.17 6.49 -11.76
CA GLN A 49 -0.28 7.32 -12.88
C GLN A 49 0.87 8.14 -13.44
N GLY A 1 -2.40 -13.37 1.59
CA GLY A 1 -3.30 -12.36 2.12
C GLY A 1 -4.73 -12.55 1.64
N SER A 2 -5.48 -11.46 1.60
CA SER A 2 -6.87 -11.50 1.16
C SER A 2 -7.18 -10.32 0.23
N MET A 3 -7.14 -9.12 0.80
CA MET A 3 -7.42 -7.90 0.03
C MET A 3 -6.21 -7.52 -0.84
N LYS A 4 -6.40 -7.52 -2.15
CA LYS A 4 -5.34 -7.17 -3.08
C LYS A 4 -5.45 -5.71 -3.50
N ASN A 5 -4.32 -5.14 -3.92
CA ASN A 5 -4.30 -3.75 -4.35
C ASN A 5 -3.41 -3.58 -5.58
N TYR A 6 -4.03 -3.29 -6.72
CA TYR A 6 -3.30 -3.09 -7.97
C TYR A 6 -3.26 -1.62 -8.36
N GLN A 7 -4.38 -0.94 -8.20
CA GLN A 7 -4.48 0.47 -8.55
C GLN A 7 -4.97 1.29 -7.35
N PRO A 8 -4.60 2.58 -7.32
CA PRO A 8 -4.99 3.49 -6.24
C PRO A 8 -6.48 3.82 -6.26
N ASN A 9 -7.30 2.82 -5.94
CA ASN A 9 -8.75 3.00 -5.93
C ASN A 9 -9.18 3.87 -4.75
N LYS A 10 -10.17 4.72 -4.99
CA LYS A 10 -10.68 5.61 -3.95
C LYS A 10 -11.70 4.88 -3.07
N ASP A 11 -12.50 4.01 -3.68
CA ASP A 11 -13.51 3.26 -2.96
C ASP A 11 -12.86 2.31 -1.95
N LEU A 12 -11.78 1.67 -2.36
CA LEU A 12 -11.07 0.73 -1.49
C LEU A 12 -10.19 1.48 -0.48
N LEU A 13 -9.54 2.54 -0.95
CA LEU A 13 -8.67 3.34 -0.09
C LEU A 13 -9.49 4.07 0.98
N GLU A 14 -10.64 4.59 0.57
CA GLU A 14 -11.52 5.31 1.50
C GLU A 14 -11.79 4.48 2.74
N ILE A 15 -12.36 3.30 2.54
CA ILE A 15 -12.68 2.41 3.66
C ILE A 15 -11.41 2.00 4.40
N LEU A 16 -10.31 1.85 3.68
CA LEU A 16 -9.04 1.47 4.28
C LEU A 16 -8.52 2.56 5.20
N GLU A 17 -8.80 3.81 4.84
CA GLU A 17 -8.36 4.95 5.64
C GLU A 17 -8.74 4.78 7.10
N SER A 18 -9.87 4.13 7.34
CA SER A 18 -10.35 3.88 8.69
C SER A 18 -9.27 3.22 9.54
N GLN A 19 -8.82 2.06 9.09
CA GLN A 19 -7.78 1.31 9.81
C GLN A 19 -6.40 1.92 9.56
N LYS A 20 -6.23 2.53 8.39
CA LYS A 20 -4.97 3.15 8.03
C LYS A 20 -4.47 4.07 9.14
N ILE A 21 -5.41 4.64 9.89
CA ILE A 21 -5.07 5.54 10.99
C ILE A 21 -4.04 4.91 11.91
N LYS A 22 -4.33 3.70 12.38
CA LYS A 22 -3.43 2.99 13.28
C LYS A 22 -2.38 2.21 12.48
N ILE A 23 -2.83 1.47 11.47
CA ILE A 23 -1.93 0.69 10.64
C ILE A 23 -0.77 1.54 10.13
N LYS A 24 -1.03 2.83 9.95
CA LYS A 24 -0.01 3.75 9.47
C LYS A 24 1.28 3.61 10.27
N ASN A 25 1.13 3.35 11.57
CA ASN A 25 2.28 3.19 12.45
C ASN A 25 3.14 2.02 12.00
N LEU A 26 2.55 0.83 11.96
CA LEU A 26 3.27 -0.37 11.54
C LEU A 26 3.71 -0.26 10.09
N LYS A 27 2.94 0.45 9.28
CA LYS A 27 3.24 0.64 7.88
C LYS A 27 4.47 1.53 7.69
N GLU A 28 4.54 2.59 8.49
CA GLU A 28 5.66 3.53 8.42
C GLU A 28 6.94 2.88 8.94
N GLU A 29 6.79 1.89 9.82
CA GLU A 29 7.93 1.19 10.38
C GLU A 29 8.37 0.04 9.48
N VAL A 30 7.40 -0.69 8.95
CA VAL A 30 7.68 -1.81 8.06
C VAL A 30 8.07 -1.33 6.66
N LYS A 31 7.63 -0.14 6.31
CA LYS A 31 7.93 0.44 5.01
C LYS A 31 9.42 0.35 4.71
N ILE A 32 10.25 0.43 5.75
CA ILE A 32 11.69 0.35 5.60
C ILE A 32 12.09 -0.88 4.79
N LEU A 33 11.41 -1.99 5.04
CA LEU A 33 11.69 -3.24 4.33
C LEU A 33 10.91 -3.31 3.03
N GLN A 34 9.60 -3.05 3.12
CA GLN A 34 8.74 -3.09 1.95
C GLN A 34 9.31 -2.25 0.82
N ARG A 35 10.00 -1.16 1.18
CA ARG A 35 10.60 -0.28 0.20
C ARG A 35 11.60 -1.03 -0.68
N LYS A 36 12.28 -2.00 -0.09
CA LYS A 36 13.26 -2.79 -0.83
C LYS A 36 12.58 -3.76 -1.78
N ILE A 37 11.80 -4.68 -1.22
CA ILE A 37 11.07 -5.67 -2.02
C ILE A 37 10.19 -4.99 -3.06
N ASP A 38 9.72 -3.80 -2.74
CA ASP A 38 8.86 -3.03 -3.65
C ASP A 38 9.54 -2.85 -5.00
N GLN A 39 10.85 -2.57 -4.97
CA GLN A 39 11.61 -2.36 -6.19
C GLN A 39 11.61 -3.61 -7.06
N GLN A 40 11.25 -4.75 -6.45
CA GLN A 40 11.22 -6.01 -7.16
C GLN A 40 10.11 -6.02 -8.21
N ILE A 41 8.89 -5.66 -7.79
CA ILE A 41 7.76 -5.62 -8.68
C ILE A 41 6.90 -4.39 -8.42
N ALA A 42 6.77 -4.02 -7.16
CA ALA A 42 5.97 -2.86 -6.79
C ALA A 42 6.37 -1.64 -7.60
N LYS A 43 7.64 -1.56 -7.97
CA LYS A 43 8.14 -0.44 -8.77
C LYS A 43 7.77 -0.60 -10.23
N GLU A 44 7.74 -1.85 -10.69
CA GLU A 44 7.39 -2.14 -12.08
C GLU A 44 5.89 -1.98 -12.32
N ARG A 45 5.10 -2.70 -11.55
CA ARG A 45 3.65 -2.64 -11.68
C ARG A 45 3.08 -1.48 -10.86
N VAL A 46 3.07 -0.29 -11.47
CA VAL A 46 2.55 0.89 -10.81
C VAL A 46 1.42 1.53 -11.62
N ILE A 47 0.19 1.39 -11.12
CA ILE A 47 -0.97 1.94 -11.79
C ILE A 47 -1.31 3.32 -11.25
N LYS A 48 -1.51 4.27 -12.15
CA LYS A 48 -1.85 5.64 -11.76
C LYS A 48 -2.03 6.53 -12.98
N GLN A 49 -3.28 6.86 -13.28
CA GLN A 49 -3.59 7.70 -14.44
C GLN A 49 -2.84 9.03 -14.36
N GLY A 1 2.38 -11.32 4.44
CA GLY A 1 2.30 -10.38 5.55
C GLY A 1 1.40 -9.20 5.25
N SER A 2 1.83 -8.35 4.33
CA SER A 2 1.05 -7.18 3.95
C SER A 2 0.64 -7.24 2.48
N MET A 3 -0.65 -7.48 2.24
CA MET A 3 -1.16 -7.56 0.88
C MET A 3 -1.48 -6.18 0.33
N LYS A 4 -1.12 -5.93 -0.92
CA LYS A 4 -1.37 -4.65 -1.56
C LYS A 4 -2.68 -4.67 -2.33
N ASN A 5 -3.21 -3.49 -2.63
CA ASN A 5 -4.46 -3.37 -3.37
C ASN A 5 -4.21 -3.30 -4.87
N TYR A 6 -5.28 -3.37 -5.65
CA TYR A 6 -5.17 -3.32 -7.11
C TYR A 6 -5.58 -1.94 -7.63
N GLN A 7 -4.68 -1.29 -8.35
CA GLN A 7 -4.95 0.03 -8.90
C GLN A 7 -5.16 1.06 -7.79
N PRO A 8 -4.90 2.34 -8.11
CA PRO A 8 -5.07 3.43 -7.14
C PRO A 8 -6.53 3.71 -6.83
N ASN A 9 -7.14 2.81 -6.07
CA ASN A 9 -8.54 2.96 -5.69
C ASN A 9 -8.71 4.05 -4.63
N LYS A 10 -9.34 5.15 -5.02
CA LYS A 10 -9.57 6.26 -4.11
C LYS A 10 -10.82 6.03 -3.26
N ASP A 11 -11.85 5.48 -3.89
CA ASP A 11 -13.11 5.21 -3.19
C ASP A 11 -12.89 4.20 -2.07
N LEU A 12 -12.08 3.19 -2.33
CA LEU A 12 -11.79 2.16 -1.33
C LEU A 12 -10.77 2.67 -0.30
N LEU A 13 -9.69 3.28 -0.80
CA LEU A 13 -8.65 3.81 0.07
C LEU A 13 -9.20 4.89 1.00
N GLU A 14 -10.16 5.66 0.48
CA GLU A 14 -10.77 6.72 1.27
C GLU A 14 -11.52 6.16 2.47
N ILE A 15 -12.49 5.29 2.19
CA ILE A 15 -13.28 4.68 3.26
C ILE A 15 -12.40 3.84 4.18
N LEU A 16 -11.36 3.25 3.62
CA LEU A 16 -10.44 2.41 4.39
C LEU A 16 -9.53 3.28 5.27
N GLU A 17 -9.22 4.48 4.79
CA GLU A 17 -8.36 5.39 5.52
C GLU A 17 -8.85 5.57 6.96
N SER A 18 -10.16 5.45 7.15
CA SER A 18 -10.76 5.59 8.46
C SER A 18 -10.07 4.68 9.48
N GLN A 19 -10.10 3.38 9.21
CA GLN A 19 -9.48 2.40 10.09
C GLN A 19 -7.98 2.32 9.85
N LYS A 20 -7.59 2.46 8.58
CA LYS A 20 -6.18 2.39 8.20
C LYS A 20 -5.39 3.52 8.86
N ILE A 21 -6.10 4.54 9.33
CA ILE A 21 -5.47 5.68 9.98
C ILE A 21 -4.44 5.22 11.01
N LYS A 22 -4.72 4.10 11.65
CA LYS A 22 -3.82 3.56 12.67
C LYS A 22 -2.76 2.68 12.03
N ILE A 23 -3.14 1.97 10.96
CA ILE A 23 -2.21 1.09 10.25
C ILE A 23 -1.13 1.88 9.54
N LYS A 24 -1.48 3.10 9.13
CA LYS A 24 -0.54 3.97 8.43
C LYS A 24 0.80 4.03 9.16
N ASN A 25 0.76 3.96 10.50
CA ASN A 25 1.96 4.00 11.30
C ASN A 25 2.84 2.78 11.03
N LEU A 26 2.29 1.60 11.26
CA LEU A 26 3.01 0.36 11.03
C LEU A 26 3.39 0.20 9.56
N LYS A 27 2.40 0.33 8.69
CA LYS A 27 2.62 0.21 7.25
C LYS A 27 3.77 1.11 6.81
N GLU A 28 3.87 2.28 7.44
CA GLU A 28 4.92 3.23 7.10
C GLU A 28 6.29 2.72 7.52
N GLU A 29 6.33 2.01 8.65
CA GLU A 29 7.58 1.46 9.15
C GLU A 29 8.02 0.26 8.32
N VAL A 30 7.07 -0.62 8.00
CA VAL A 30 7.37 -1.81 7.21
C VAL A 30 7.58 -1.45 5.75
N LYS A 31 7.06 -0.30 5.33
CA LYS A 31 7.19 0.16 3.97
C LYS A 31 8.64 0.07 3.50
N ILE A 32 9.58 0.29 4.43
CA ILE A 32 10.99 0.23 4.11
C ILE A 32 11.34 -1.07 3.40
N LEU A 33 10.66 -2.15 3.78
CA LEU A 33 10.90 -3.45 3.16
C LEU A 33 10.06 -3.63 1.90
N GLN A 34 8.81 -3.18 1.97
CA GLN A 34 7.90 -3.29 0.83
C GLN A 34 8.55 -2.72 -0.43
N ARG A 35 9.36 -1.69 -0.25
CA ARG A 35 10.04 -1.05 -1.37
C ARG A 35 10.75 -2.08 -2.25
N LYS A 36 11.55 -2.93 -1.61
CA LYS A 36 12.28 -3.97 -2.34
C LYS A 36 11.35 -4.77 -3.25
N ILE A 37 10.11 -4.95 -2.80
CA ILE A 37 9.12 -5.69 -3.56
C ILE A 37 8.45 -4.79 -4.61
N ASP A 38 8.25 -3.53 -4.25
CA ASP A 38 7.63 -2.57 -5.15
C ASP A 38 8.29 -2.60 -6.52
N GLN A 39 9.61 -2.43 -6.55
CA GLN A 39 10.36 -2.45 -7.79
C GLN A 39 10.45 -3.86 -8.37
N GLN A 40 10.30 -4.85 -7.50
CA GLN A 40 10.37 -6.25 -7.92
C GLN A 40 9.41 -6.52 -9.08
N ILE A 41 8.13 -6.24 -8.86
CA ILE A 41 7.11 -6.45 -9.88
C ILE A 41 6.07 -5.34 -9.85
N ALA A 42 5.82 -4.80 -8.67
CA ALA A 42 4.84 -3.74 -8.50
C ALA A 42 5.12 -2.58 -9.46
N LYS A 43 6.36 -2.49 -9.92
CA LYS A 43 6.76 -1.43 -10.84
C LYS A 43 6.00 -1.55 -12.17
N GLU A 44 5.48 -2.74 -12.43
CA GLU A 44 4.74 -2.98 -13.66
C GLU A 44 3.56 -2.02 -13.78
N ARG A 45 2.52 -2.26 -12.99
CA ARG A 45 1.33 -1.42 -13.01
C ARG A 45 0.70 -1.34 -11.62
N VAL A 46 1.53 -1.39 -10.59
CA VAL A 46 1.06 -1.33 -9.22
C VAL A 46 1.52 -0.04 -8.54
N ILE A 47 0.60 0.91 -8.41
CA ILE A 47 0.92 2.20 -7.78
C ILE A 47 0.65 2.15 -6.28
N LYS A 48 1.56 2.74 -5.51
CA LYS A 48 1.43 2.76 -4.06
C LYS A 48 2.56 3.58 -3.43
N GLN A 49 2.19 4.60 -2.66
CA GLN A 49 3.18 5.44 -2.00
C GLN A 49 3.35 5.04 -0.54
N GLY A 1 -3.01 -11.22 2.49
CA GLY A 1 -3.57 -12.55 2.47
C GLY A 1 -4.09 -12.94 1.11
N SER A 2 -5.32 -12.55 0.80
CA SER A 2 -5.94 -12.87 -0.48
C SER A 2 -5.97 -11.65 -1.38
N MET A 3 -6.71 -10.62 -0.95
CA MET A 3 -6.82 -9.39 -1.72
C MET A 3 -5.55 -8.56 -1.62
N LYS A 4 -4.90 -8.32 -2.75
CA LYS A 4 -3.68 -7.54 -2.80
C LYS A 4 -3.90 -6.21 -3.50
N ASN A 5 -3.00 -5.26 -3.28
CA ASN A 5 -3.09 -3.95 -3.89
C ASN A 5 -2.41 -3.92 -5.24
N TYR A 6 -3.20 -3.76 -6.30
CA TYR A 6 -2.68 -3.73 -7.66
C TYR A 6 -2.70 -2.30 -8.22
N GLN A 7 -3.81 -1.60 -7.97
CA GLN A 7 -3.96 -0.23 -8.44
C GLN A 7 -4.27 0.72 -7.29
N PRO A 8 -3.92 2.01 -7.47
CA PRO A 8 -4.16 3.03 -6.45
C PRO A 8 -5.64 3.36 -6.29
N ASN A 9 -6.39 2.41 -5.74
CA ASN A 9 -7.82 2.60 -5.52
C ASN A 9 -8.08 3.55 -4.36
N LYS A 10 -8.68 4.69 -4.67
CA LYS A 10 -8.99 5.69 -3.65
C LYS A 10 -10.30 5.37 -2.94
N ASP A 11 -11.25 4.81 -3.69
CA ASP A 11 -12.55 4.45 -3.13
C ASP A 11 -12.39 3.36 -2.06
N LEU A 12 -11.55 2.38 -2.34
CA LEU A 12 -11.32 1.28 -1.41
C LEU A 12 -10.37 1.72 -0.29
N LEU A 13 -9.27 2.37 -0.66
CA LEU A 13 -8.29 2.85 0.31
C LEU A 13 -8.92 3.85 1.27
N GLU A 14 -9.86 4.65 0.76
CA GLU A 14 -10.53 5.65 1.57
C GLU A 14 -11.07 5.03 2.86
N ILE A 15 -11.92 4.02 2.71
CA ILE A 15 -12.51 3.35 3.87
C ILE A 15 -11.42 2.89 4.84
N LEU A 16 -10.28 2.49 4.31
CA LEU A 16 -9.17 2.04 5.14
C LEU A 16 -8.46 3.22 5.80
N GLU A 17 -8.50 4.37 5.14
CA GLU A 17 -7.87 5.57 5.65
C GLU A 17 -8.26 5.80 7.11
N SER A 18 -9.47 5.41 7.47
CA SER A 18 -9.96 5.57 8.84
C SER A 18 -8.99 4.96 9.84
N GLN A 19 -8.72 3.67 9.69
CA GLN A 19 -7.81 2.97 10.57
C GLN A 19 -6.35 3.26 10.21
N LYS A 20 -6.11 3.52 8.93
CA LYS A 20 -4.77 3.82 8.44
C LYS A 20 -4.12 4.91 9.29
N ILE A 21 -4.94 5.77 9.87
CA ILE A 21 -4.45 6.86 10.71
C ILE A 21 -3.41 6.35 11.70
N LYS A 22 -3.82 5.42 12.55
CA LYS A 22 -2.94 4.85 13.57
C LYS A 22 -2.13 3.70 12.98
N ILE A 23 -2.80 2.82 12.24
CA ILE A 23 -2.14 1.68 11.63
C ILE A 23 -0.89 2.11 10.86
N LYS A 24 -0.93 3.31 10.30
CA LYS A 24 0.19 3.85 9.54
C LYS A 24 1.50 3.68 10.32
N ASN A 25 1.43 3.85 11.64
CA ASN A 25 2.59 3.73 12.50
C ASN A 25 3.27 2.36 12.30
N LEU A 26 2.50 1.30 12.50
CA LEU A 26 3.01 -0.05 12.34
C LEU A 26 3.27 -0.38 10.87
N LYS A 27 2.28 -0.11 10.04
CA LYS A 27 2.39 -0.36 8.60
C LYS A 27 3.65 0.28 8.03
N GLU A 28 4.05 1.39 8.63
CA GLU A 28 5.24 2.11 8.19
C GLU A 28 6.51 1.35 8.56
N GLU A 29 6.64 1.03 9.84
CA GLU A 29 7.80 0.30 10.33
C GLU A 29 8.05 -0.96 9.51
N VAL A 30 6.96 -1.58 9.07
CA VAL A 30 7.05 -2.81 8.27
C VAL A 30 7.22 -2.48 6.79
N LYS A 31 6.63 -1.37 6.36
CA LYS A 31 6.72 -0.94 4.97
C LYS A 31 8.17 -0.79 4.54
N ILE A 32 9.05 -0.57 5.51
CA ILE A 32 10.48 -0.40 5.24
C ILE A 32 11.01 -1.55 4.40
N LEU A 33 10.46 -2.74 4.60
CA LEU A 33 10.88 -3.92 3.86
C LEU A 33 10.12 -4.02 2.53
N GLN A 34 8.89 -3.53 2.52
CA GLN A 34 8.07 -3.57 1.32
C GLN A 34 8.52 -2.52 0.31
N ARG A 35 9.20 -1.49 0.80
CA ARG A 35 9.70 -0.42 -0.05
C ARG A 35 10.97 -0.85 -0.78
N LYS A 36 11.97 -1.24 -0.02
CA LYS A 36 13.24 -1.68 -0.60
C LYS A 36 13.02 -2.75 -1.66
N ILE A 37 12.02 -3.59 -1.44
CA ILE A 37 11.69 -4.66 -2.38
C ILE A 37 10.76 -4.16 -3.48
N ASP A 38 10.03 -3.09 -3.19
CA ASP A 38 9.11 -2.51 -4.16
C ASP A 38 9.82 -2.14 -5.45
N GLN A 39 11.04 -1.63 -5.33
CA GLN A 39 11.83 -1.24 -6.49
C GLN A 39 12.11 -2.45 -7.38
N GLN A 40 12.03 -3.63 -6.80
CA GLN A 40 12.27 -4.86 -7.55
C GLN A 40 11.27 -5.02 -8.69
N ILE A 41 9.99 -4.93 -8.36
CA ILE A 41 8.93 -5.06 -9.36
C ILE A 41 7.83 -4.03 -9.14
N ALA A 42 7.52 -3.76 -7.86
CA ALA A 42 6.50 -2.80 -7.51
C ALA A 42 6.71 -1.48 -8.24
N LYS A 43 7.96 -1.15 -8.52
CA LYS A 43 8.31 0.08 -9.22
C LYS A 43 7.95 -0.01 -10.70
N GLU A 44 8.09 -1.22 -11.26
CA GLU A 44 7.79 -1.44 -12.66
C GLU A 44 6.29 -1.64 -12.88
N ARG A 45 5.72 -2.62 -12.18
CA ARG A 45 4.30 -2.91 -12.29
C ARG A 45 3.48 -1.94 -11.44
N VAL A 46 3.49 -0.67 -11.83
CA VAL A 46 2.75 0.36 -11.12
C VAL A 46 1.77 1.07 -12.04
N ILE A 47 0.49 0.96 -11.73
CA ILE A 47 -0.56 1.59 -12.53
C ILE A 47 -1.03 2.89 -11.89
N LYS A 48 -1.37 3.87 -12.72
CA LYS A 48 -1.84 5.15 -12.22
C LYS A 48 -3.04 5.64 -13.03
N GLN A 49 -4.19 5.73 -12.38
CA GLN A 49 -5.41 6.19 -13.04
C GLN A 49 -5.80 7.59 -12.57
N GLY A 1 7.25 3.66 3.20
CA GLY A 1 6.26 2.62 3.49
C GLY A 1 4.99 2.79 2.67
N SER A 2 4.80 1.92 1.69
CA SER A 2 3.63 1.98 0.83
C SER A 2 3.07 0.58 0.56
N MET A 3 1.83 0.35 0.99
CA MET A 3 1.19 -0.94 0.80
C MET A 3 0.81 -1.15 -0.67
N LYS A 4 0.83 -2.41 -1.10
CA LYS A 4 0.49 -2.74 -2.48
C LYS A 4 -1.00 -3.07 -2.61
N ASN A 5 -1.74 -2.17 -3.23
CA ASN A 5 -3.18 -2.36 -3.42
C ASN A 5 -3.49 -2.80 -4.85
N TYR A 6 -4.71 -3.24 -5.08
CA TYR A 6 -5.14 -3.69 -6.40
C TYR A 6 -5.90 -2.59 -7.14
N GLN A 7 -5.38 -2.20 -8.29
CA GLN A 7 -6.01 -1.15 -9.09
C GLN A 7 -6.01 0.18 -8.34
N PRO A 8 -6.18 1.28 -9.09
CA PRO A 8 -6.21 2.63 -8.52
C PRO A 8 -7.47 2.88 -7.69
N ASN A 9 -7.54 2.24 -6.53
CA ASN A 9 -8.69 2.40 -5.63
C ASN A 9 -8.52 3.62 -4.75
N LYS A 10 -8.53 4.80 -5.36
CA LYS A 10 -8.38 6.05 -4.62
C LYS A 10 -9.57 6.27 -3.69
N ASP A 11 -10.78 6.24 -4.26
CA ASP A 11 -11.99 6.44 -3.48
C ASP A 11 -12.21 5.28 -2.52
N LEU A 12 -11.83 4.08 -2.93
CA LEU A 12 -11.99 2.90 -2.09
C LEU A 12 -11.04 2.94 -0.90
N LEU A 13 -9.77 3.15 -1.17
CA LEU A 13 -8.75 3.22 -0.12
C LEU A 13 -8.94 4.48 0.73
N GLU A 14 -9.42 5.54 0.10
CA GLU A 14 -9.63 6.81 0.79
C GLU A 14 -10.44 6.59 2.07
N ILE A 15 -11.58 5.92 1.92
CA ILE A 15 -12.45 5.64 3.07
C ILE A 15 -11.70 4.90 4.16
N LEU A 16 -11.24 3.69 3.84
CA LEU A 16 -10.51 2.88 4.80
C LEU A 16 -9.36 3.66 5.42
N GLU A 17 -8.78 4.58 4.64
CA GLU A 17 -7.68 5.41 5.10
C GLU A 17 -8.00 6.04 6.46
N SER A 18 -9.27 6.34 6.68
CA SER A 18 -9.72 6.95 7.92
C SER A 18 -9.20 6.16 9.12
N GLN A 19 -9.56 4.88 9.20
CA GLN A 19 -9.14 4.02 10.28
C GLN A 19 -7.72 3.52 10.06
N LYS A 20 -7.38 3.27 8.80
CA LYS A 20 -6.04 2.79 8.44
C LYS A 20 -4.97 3.80 8.82
N ILE A 21 -5.40 5.04 9.06
CA ILE A 21 -4.48 6.11 9.43
C ILE A 21 -3.54 5.65 10.55
N LYS A 22 -4.03 4.78 11.41
CA LYS A 22 -3.24 4.28 12.52
C LYS A 22 -2.43 3.05 12.10
N ILE A 23 -3.12 2.03 11.60
CA ILE A 23 -2.47 0.81 11.15
C ILE A 23 -1.32 1.12 10.20
N LYS A 24 -1.46 2.21 9.44
CA LYS A 24 -0.43 2.62 8.49
C LYS A 24 0.94 2.64 9.16
N ASN A 25 0.97 2.95 10.44
CA ASN A 25 2.21 3.01 11.19
C ASN A 25 2.81 1.62 11.38
N LEU A 26 1.94 0.66 11.67
CA LEU A 26 2.38 -0.73 11.87
C LEU A 26 2.65 -1.42 10.53
N LYS A 27 1.96 -0.95 9.48
CA LYS A 27 2.13 -1.52 8.16
C LYS A 27 3.35 -0.92 7.45
N GLU A 28 3.58 0.37 7.68
CA GLU A 28 4.70 1.06 7.07
C GLU A 28 6.03 0.63 7.71
N GLU A 29 5.95 0.22 8.97
CA GLU A 29 7.14 -0.23 9.69
C GLU A 29 7.74 -1.47 9.05
N VAL A 30 6.90 -2.48 8.82
CA VAL A 30 7.34 -3.72 8.20
C VAL A 30 7.47 -3.57 6.69
N LYS A 31 6.62 -2.73 6.10
CA LYS A 31 6.65 -2.50 4.67
C LYS A 31 8.03 -2.04 4.21
N ILE A 32 8.79 -1.46 5.13
CA ILE A 32 10.13 -0.98 4.82
C ILE A 32 10.95 -2.06 4.13
N LEU A 33 10.70 -3.31 4.50
CA LEU A 33 11.42 -4.43 3.92
C LEU A 33 10.74 -4.90 2.63
N GLN A 34 9.46 -5.23 2.72
CA GLN A 34 8.70 -5.69 1.56
C GLN A 34 8.86 -4.72 0.40
N ARG A 35 9.04 -3.45 0.71
CA ARG A 35 9.20 -2.43 -0.33
C ARG A 35 10.27 -2.84 -1.33
N LYS A 36 11.30 -3.51 -0.85
CA LYS A 36 12.39 -3.96 -1.71
C LYS A 36 11.88 -4.94 -2.76
N ILE A 37 11.35 -6.07 -2.31
CA ILE A 37 10.82 -7.07 -3.22
C ILE A 37 9.66 -6.53 -4.04
N ASP A 38 8.94 -5.58 -3.46
CA ASP A 38 7.80 -4.97 -4.15
C ASP A 38 8.25 -4.18 -5.37
N GLN A 39 9.31 -3.39 -5.19
CA GLN A 39 9.84 -2.58 -6.29
C GLN A 39 10.34 -3.47 -7.42
N GLN A 40 10.64 -4.72 -7.10
CA GLN A 40 11.12 -5.67 -8.10
C GLN A 40 10.11 -5.84 -9.23
N ILE A 41 8.88 -6.18 -8.87
CA ILE A 41 7.82 -6.37 -9.86
C ILE A 41 6.50 -5.80 -9.36
N ALA A 42 6.26 -5.92 -8.06
CA ALA A 42 5.03 -5.42 -7.45
C ALA A 42 4.80 -3.96 -7.84
N LYS A 43 5.88 -3.24 -8.15
CA LYS A 43 5.79 -1.84 -8.54
C LYS A 43 5.05 -1.69 -9.86
N GLU A 44 5.22 -2.67 -10.74
CA GLU A 44 4.57 -2.64 -12.05
C GLU A 44 3.16 -3.20 -11.97
N ARG A 45 2.97 -4.20 -11.11
CA ARG A 45 1.66 -4.82 -10.93
C ARG A 45 0.62 -3.79 -10.50
N VAL A 46 1.06 -2.83 -9.69
CA VAL A 46 0.17 -1.78 -9.20
C VAL A 46 0.18 -0.57 -10.13
N ILE A 47 -0.91 -0.38 -10.86
CA ILE A 47 -1.03 0.74 -11.78
C ILE A 47 -1.94 1.84 -11.21
N LYS A 48 -1.58 3.09 -11.49
CA LYS A 48 -2.36 4.22 -11.01
C LYS A 48 -2.73 5.15 -12.16
N GLN A 49 -3.91 5.76 -12.07
CA GLN A 49 -4.38 6.67 -13.10
C GLN A 49 -3.46 7.89 -13.21
N GLY A 1 -2.46 -6.85 6.94
CA GLY A 1 -1.92 -5.70 6.22
C GLY A 1 -1.26 -6.10 4.92
N SER A 2 -0.04 -5.64 4.70
CA SER A 2 0.68 -5.94 3.46
C SER A 2 -0.15 -5.58 2.24
N MET A 3 -0.70 -4.37 2.24
CA MET A 3 -1.53 -3.91 1.12
C MET A 3 -0.65 -3.39 -0.01
N LYS A 4 -0.95 -3.82 -1.23
CA LYS A 4 -0.19 -3.40 -2.40
C LYS A 4 -0.97 -2.36 -3.21
N ASN A 5 -0.39 -1.19 -3.40
CA ASN A 5 -1.03 -0.11 -4.14
C ASN A 5 -0.62 -0.17 -5.61
N TYR A 6 -1.19 -1.13 -6.34
CA TYR A 6 -0.90 -1.29 -7.76
C TYR A 6 -2.07 -0.83 -8.62
N GLN A 7 -3.28 -1.06 -8.12
CA GLN A 7 -4.49 -0.66 -8.84
C GLN A 7 -5.19 0.49 -8.14
N PRO A 8 -6.01 1.23 -8.90
CA PRO A 8 -6.75 2.38 -8.37
C PRO A 8 -7.87 1.96 -7.42
N ASN A 9 -7.48 1.37 -6.29
CA ASN A 9 -8.46 0.92 -5.30
C ASN A 9 -8.84 2.06 -4.36
N LYS A 10 -9.31 3.16 -4.93
CA LYS A 10 -9.72 4.32 -4.14
C LYS A 10 -10.97 4.01 -3.35
N ASP A 11 -11.99 3.49 -4.02
CA ASP A 11 -13.26 3.16 -3.37
C ASP A 11 -13.04 2.13 -2.27
N LEU A 12 -12.09 1.23 -2.49
CA LEU A 12 -11.80 0.18 -1.51
C LEU A 12 -10.95 0.74 -0.37
N LEU A 13 -9.76 1.24 -0.70
CA LEU A 13 -8.85 1.79 0.29
C LEU A 13 -9.54 2.89 1.09
N GLU A 14 -10.48 3.57 0.46
CA GLU A 14 -11.21 4.66 1.12
C GLU A 14 -11.71 4.21 2.49
N ILE A 15 -12.34 3.05 2.54
CA ILE A 15 -12.86 2.51 3.79
C ILE A 15 -11.74 2.18 4.76
N LEU A 16 -10.60 1.76 4.22
CA LEU A 16 -9.44 1.42 5.04
C LEU A 16 -8.80 2.67 5.62
N GLU A 17 -8.92 3.78 4.91
CA GLU A 17 -8.35 5.04 5.36
C GLU A 17 -8.70 5.31 6.81
N SER A 18 -9.90 4.89 7.22
CA SER A 18 -10.35 5.08 8.59
C SER A 18 -9.32 4.56 9.59
N GLN A 19 -8.99 3.28 9.47
CA GLN A 19 -8.01 2.67 10.37
C GLN A 19 -6.58 3.03 9.96
N LYS A 20 -6.41 3.32 8.67
CA LYS A 20 -5.09 3.69 8.14
C LYS A 20 -4.46 4.79 8.98
N ILE A 21 -5.30 5.61 9.61
CA ILE A 21 -4.82 6.70 10.44
C ILE A 21 -3.75 6.22 11.43
N LYS A 22 -4.13 5.24 12.24
CA LYS A 22 -3.20 4.67 13.23
C LYS A 22 -2.34 3.59 12.60
N ILE A 23 -2.97 2.69 11.83
CA ILE A 23 -2.25 1.61 11.18
C ILE A 23 -1.05 2.13 10.40
N LYS A 24 -1.15 3.37 9.93
CA LYS A 24 -0.07 3.98 9.17
C LYS A 24 1.27 3.80 9.89
N ASN A 25 1.22 3.80 11.21
CA ASN A 25 2.44 3.63 12.01
C ASN A 25 3.09 2.28 11.74
N LEU A 26 2.30 1.21 11.90
CA LEU A 26 2.80 -0.14 11.67
C LEU A 26 3.03 -0.40 10.18
N LYS A 27 2.29 0.33 9.34
CA LYS A 27 2.43 0.19 7.90
C LYS A 27 3.71 0.84 7.39
N GLU A 28 4.04 1.99 7.98
CA GLU A 28 5.24 2.72 7.59
C GLU A 28 6.49 2.01 8.08
N GLU A 29 6.36 1.27 9.18
CA GLU A 29 7.48 0.55 9.76
C GLU A 29 7.68 -0.79 9.05
N VAL A 30 6.57 -1.44 8.70
CA VAL A 30 6.62 -2.72 8.01
C VAL A 30 6.90 -2.54 6.53
N LYS A 31 6.46 -1.42 5.98
CA LYS A 31 6.66 -1.13 4.57
C LYS A 31 8.13 -1.31 4.18
N ILE A 32 9.02 -1.08 5.13
CA ILE A 32 10.45 -1.22 4.89
C ILE A 32 10.77 -2.57 4.25
N LEU A 33 10.02 -3.59 4.63
CA LEU A 33 10.21 -4.93 4.09
C LEU A 33 9.44 -5.11 2.79
N GLN A 34 8.15 -4.82 2.83
CA GLN A 34 7.31 -4.95 1.64
C GLN A 34 7.92 -4.23 0.45
N ARG A 35 8.60 -3.11 0.72
CA ARG A 35 9.23 -2.33 -0.33
C ARG A 35 10.09 -3.22 -1.22
N LYS A 36 10.93 -4.04 -0.60
CA LYS A 36 11.81 -4.93 -1.35
C LYS A 36 11.01 -5.76 -2.35
N ILE A 37 9.79 -6.12 -1.98
CA ILE A 37 8.94 -6.92 -2.86
C ILE A 37 8.20 -6.02 -3.85
N ASP A 38 7.88 -4.81 -3.43
CA ASP A 38 7.18 -3.86 -4.28
C ASP A 38 7.95 -3.61 -5.57
N GLN A 39 9.23 -3.26 -5.43
CA GLN A 39 10.07 -2.99 -6.58
C GLN A 39 10.24 -4.25 -7.43
N GLN A 40 10.03 -5.40 -6.83
CA GLN A 40 10.15 -6.67 -7.53
C GLN A 40 9.23 -6.71 -8.76
N ILE A 41 7.95 -6.46 -8.52
CA ILE A 41 6.97 -6.47 -9.60
C ILE A 41 5.96 -5.34 -9.44
N ALA A 42 5.62 -5.04 -8.20
CA ALA A 42 4.67 -3.98 -7.90
C ALA A 42 5.05 -2.68 -8.61
N LYS A 43 6.35 -2.48 -8.79
CA LYS A 43 6.85 -1.28 -9.46
C LYS A 43 6.48 -1.28 -10.94
N GLU A 44 6.45 -2.47 -11.53
CA GLU A 44 6.10 -2.62 -12.93
C GLU A 44 4.72 -2.05 -13.22
N ARG A 45 3.70 -2.65 -12.60
CA ARG A 45 2.33 -2.20 -12.79
C ARG A 45 1.82 -1.45 -11.56
N VAL A 46 2.17 -0.17 -11.47
CA VAL A 46 1.75 0.67 -10.35
C VAL A 46 0.97 1.88 -10.83
N ILE A 47 -0.30 1.95 -10.45
CA ILE A 47 -1.16 3.07 -10.83
C ILE A 47 -0.76 4.34 -10.10
N LYS A 48 -0.89 5.47 -10.77
CA LYS A 48 -0.55 6.76 -10.18
C LYS A 48 -1.81 7.61 -9.97
N GLN A 49 -1.95 8.15 -8.76
CA GLN A 49 -3.11 8.98 -8.42
C GLN A 49 -3.01 10.34 -9.09
N GLY A 1 -7.30 -14.69 3.13
CA GLY A 1 -7.79 -15.04 1.81
C GLY A 1 -6.82 -14.63 0.72
N SER A 2 -7.24 -14.79 -0.53
CA SER A 2 -6.41 -14.43 -1.68
C SER A 2 -6.91 -13.14 -2.31
N MET A 3 -6.78 -12.04 -1.59
CA MET A 3 -7.20 -10.73 -2.09
C MET A 3 -6.20 -10.18 -3.09
N LYS A 4 -6.70 -9.44 -4.08
CA LYS A 4 -5.84 -8.85 -5.10
C LYS A 4 -5.80 -7.34 -4.96
N ASN A 5 -4.78 -6.72 -5.57
CA ASN A 5 -4.63 -5.27 -5.50
C ASN A 5 -4.25 -4.71 -6.88
N TYR A 6 -5.18 -4.00 -7.49
CA TYR A 6 -4.95 -3.42 -8.81
C TYR A 6 -5.42 -1.96 -8.85
N GLN A 7 -4.61 -1.11 -9.47
CA GLN A 7 -4.94 0.31 -9.58
C GLN A 7 -4.96 0.98 -8.20
N PRO A 8 -4.39 2.18 -8.13
CA PRO A 8 -4.32 2.94 -6.88
C PRO A 8 -5.68 3.47 -6.44
N ASN A 9 -6.54 2.55 -6.01
CA ASN A 9 -7.87 2.92 -5.56
C ASN A 9 -7.82 3.63 -4.22
N LYS A 10 -7.68 4.95 -4.26
CA LYS A 10 -7.61 5.75 -3.04
C LYS A 10 -9.02 6.08 -2.54
N ASP A 11 -9.94 6.30 -3.46
CA ASP A 11 -11.32 6.62 -3.11
C ASP A 11 -11.95 5.48 -2.30
N LEU A 12 -11.72 4.25 -2.74
CA LEU A 12 -12.27 3.08 -2.08
C LEU A 12 -11.46 2.74 -0.83
N LEU A 13 -10.14 2.65 -0.99
CA LEU A 13 -9.25 2.34 0.12
C LEU A 13 -9.41 3.35 1.25
N GLU A 14 -9.71 4.59 0.89
CA GLU A 14 -9.88 5.65 1.88
C GLU A 14 -10.82 5.21 2.99
N ILE A 15 -11.93 4.56 2.60
CA ILE A 15 -12.91 4.08 3.57
C ILE A 15 -12.24 3.26 4.67
N LEU A 16 -11.28 2.43 4.28
CA LEU A 16 -10.56 1.59 5.23
C LEU A 16 -9.40 2.35 5.86
N GLU A 17 -8.82 3.28 5.10
CA GLU A 17 -7.70 4.08 5.59
C GLU A 17 -8.03 4.68 6.95
N SER A 18 -9.31 4.93 7.20
CA SER A 18 -9.74 5.51 8.47
C SER A 18 -9.14 4.76 9.64
N GLN A 19 -9.41 3.46 9.71
CA GLN A 19 -8.90 2.62 10.79
C GLN A 19 -7.41 2.35 10.60
N LYS A 20 -6.97 2.29 9.35
CA LYS A 20 -5.58 2.03 9.04
C LYS A 20 -4.67 3.03 9.75
N ILE A 21 -5.22 4.20 10.07
CA ILE A 21 -4.46 5.23 10.75
C ILE A 21 -3.68 4.66 11.94
N LYS A 22 -4.28 3.67 12.59
CA LYS A 22 -3.66 3.03 13.75
C LYS A 22 -2.47 2.17 13.32
N ILE A 23 -2.67 1.40 12.25
CA ILE A 23 -1.62 0.53 11.73
C ILE A 23 -0.50 1.34 11.08
N LYS A 24 -0.86 2.52 10.58
CA LYS A 24 0.11 3.40 9.93
C LYS A 24 1.38 3.53 10.76
N ASN A 25 1.22 3.49 12.08
CA ASN A 25 2.35 3.61 12.99
C ASN A 25 3.33 2.45 12.78
N LEU A 26 2.82 1.23 12.84
CA LEU A 26 3.65 0.04 12.67
C LEU A 26 4.11 -0.08 11.22
N LYS A 27 3.20 0.16 10.29
CA LYS A 27 3.51 0.08 8.87
C LYS A 27 4.57 1.11 8.48
N GLU A 28 4.58 2.24 9.18
CA GLU A 28 5.55 3.30 8.91
C GLU A 28 6.95 2.86 9.30
N GLU A 29 7.08 2.24 10.46
CA GLU A 29 8.37 1.78 10.94
C GLU A 29 8.91 0.66 10.06
N VAL A 30 8.02 -0.24 9.64
CA VAL A 30 8.41 -1.35 8.78
C VAL A 30 8.61 -0.90 7.34
N LYS A 31 7.94 0.20 6.97
CA LYS A 31 8.05 0.74 5.63
C LYS A 31 9.51 0.87 5.21
N ILE A 32 10.38 1.13 6.17
CA ILE A 32 11.81 1.28 5.90
C ILE A 32 12.33 0.11 5.08
N LEU A 33 11.77 -1.08 5.32
CA LEU A 33 12.19 -2.27 4.61
C LEU A 33 11.41 -2.43 3.31
N GLN A 34 10.09 -2.23 3.38
CA GLN A 34 9.24 -2.34 2.20
C GLN A 34 9.69 -1.38 1.11
N ARG A 35 10.26 -0.26 1.51
CA ARG A 35 10.74 0.74 0.56
C ARG A 35 11.80 0.15 -0.37
N LYS A 36 12.59 -0.78 0.16
CA LYS A 36 13.63 -1.43 -0.63
C LYS A 36 13.03 -2.42 -1.62
N ILE A 37 12.36 -3.45 -1.10
CA ILE A 37 11.74 -4.46 -1.93
C ILE A 37 10.76 -3.83 -2.93
N ASP A 38 10.13 -2.74 -2.52
CA ASP A 38 9.18 -2.04 -3.36
C ASP A 38 9.78 -1.74 -4.73
N GLN A 39 11.00 -1.21 -4.74
CA GLN A 39 11.69 -0.88 -5.98
C GLN A 39 12.16 -2.15 -6.69
N GLN A 40 12.22 -3.25 -5.95
CA GLN A 40 12.67 -4.51 -6.51
C GLN A 40 11.74 -4.97 -7.64
N ILE A 41 10.47 -4.64 -7.52
CA ILE A 41 9.48 -5.00 -8.52
C ILE A 41 8.18 -4.23 -8.34
N ALA A 42 7.82 -3.98 -7.08
CA ALA A 42 6.61 -3.25 -6.77
C ALA A 42 6.53 -1.94 -7.55
N LYS A 43 7.69 -1.39 -7.89
CA LYS A 43 7.76 -0.15 -8.64
C LYS A 43 7.20 -0.33 -10.05
N GLU A 44 7.41 -1.52 -10.62
CA GLU A 44 6.92 -1.82 -11.95
C GLU A 44 5.40 -2.02 -11.95
N ARG A 45 4.90 -2.61 -10.89
CA ARG A 45 3.46 -2.85 -10.76
C ARG A 45 2.72 -1.57 -10.40
N VAL A 46 2.77 -0.59 -11.29
CA VAL A 46 2.11 0.69 -11.06
C VAL A 46 1.13 1.00 -12.18
N ILE A 47 -0.15 1.08 -11.84
CA ILE A 47 -1.19 1.38 -12.82
C ILE A 47 -1.64 2.83 -12.73
N LYS A 48 -1.36 3.60 -13.78
CA LYS A 48 -1.74 5.01 -13.82
C LYS A 48 -2.06 5.44 -15.25
N GLN A 49 -3.34 5.62 -15.53
CA GLN A 49 -3.79 6.05 -16.87
C GLN A 49 -4.23 7.50 -16.85
N GLY A 1 -17.65 -10.56 -13.93
CA GLY A 1 -18.48 -10.53 -12.73
C GLY A 1 -17.73 -10.98 -11.50
N SER A 2 -16.95 -10.08 -10.92
CA SER A 2 -16.17 -10.38 -9.73
C SER A 2 -15.38 -9.16 -9.26
N MET A 3 -14.72 -9.29 -8.11
CA MET A 3 -13.93 -8.20 -7.56
C MET A 3 -12.66 -7.98 -8.38
N LYS A 4 -12.33 -6.71 -8.60
CA LYS A 4 -11.13 -6.37 -9.37
C LYS A 4 -10.09 -5.71 -8.48
N ASN A 5 -8.83 -5.78 -8.89
CA ASN A 5 -7.74 -5.19 -8.13
C ASN A 5 -6.76 -4.46 -9.05
N TYR A 6 -6.51 -3.20 -8.75
CA TYR A 6 -5.59 -2.40 -9.55
C TYR A 6 -4.62 -1.62 -8.66
N GLN A 7 -3.83 -0.76 -9.29
CA GLN A 7 -2.85 0.05 -8.55
C GLN A 7 -3.49 0.68 -7.31
N PRO A 8 -2.64 1.13 -6.38
CA PRO A 8 -3.10 1.76 -5.14
C PRO A 8 -3.71 3.13 -5.38
N ASN A 9 -4.94 3.14 -5.89
CA ASN A 9 -5.65 4.39 -6.17
C ASN A 9 -6.07 5.07 -4.86
N LYS A 10 -6.49 6.34 -4.98
CA LYS A 10 -6.91 7.10 -3.81
C LYS A 10 -8.37 6.81 -3.48
N ASP A 11 -9.17 6.55 -4.52
CA ASP A 11 -10.59 6.26 -4.34
C ASP A 11 -10.77 5.01 -3.49
N LEU A 12 -9.99 3.98 -3.79
CA LEU A 12 -10.07 2.72 -3.06
C LEU A 12 -9.36 2.82 -1.70
N LEU A 13 -8.14 3.34 -1.73
CA LEU A 13 -7.36 3.50 -0.51
C LEU A 13 -8.08 4.38 0.50
N GLU A 14 -8.82 5.36 -0.01
CA GLU A 14 -9.57 6.29 0.84
C GLU A 14 -10.41 5.52 1.85
N ILE A 15 -10.86 4.33 1.46
CA ILE A 15 -11.69 3.51 2.34
C ILE A 15 -10.82 2.71 3.30
N LEU A 16 -9.63 2.33 2.85
CA LEU A 16 -8.71 1.56 3.69
C LEU A 16 -8.06 2.45 4.74
N GLU A 17 -7.85 3.71 4.38
CA GLU A 17 -7.23 4.67 5.30
C GLU A 17 -7.93 4.65 6.65
N SER A 18 -9.23 4.37 6.64
CA SER A 18 -10.01 4.33 7.87
C SER A 18 -9.35 3.41 8.91
N GLN A 19 -9.17 2.15 8.53
CA GLN A 19 -8.55 1.18 9.43
C GLN A 19 -7.03 1.31 9.41
N LYS A 20 -6.49 1.69 8.25
CA LYS A 20 -5.05 1.87 8.11
C LYS A 20 -4.53 2.95 9.05
N ILE A 21 -5.44 3.78 9.55
CA ILE A 21 -5.07 4.86 10.46
C ILE A 21 -4.14 4.36 11.56
N LYS A 22 -4.35 3.11 11.97
CA LYS A 22 -3.52 2.51 13.01
C LYS A 22 -2.25 1.91 12.43
N ILE A 23 -2.42 1.03 11.45
CA ILE A 23 -1.29 0.37 10.80
C ILE A 23 -0.28 1.40 10.31
N LYS A 24 -0.75 2.60 10.02
CA LYS A 24 0.12 3.68 9.54
C LYS A 24 1.36 3.80 10.43
N ASN A 25 1.18 3.55 11.72
CA ASN A 25 2.29 3.63 12.66
C ASN A 25 3.36 2.60 12.35
N LEU A 26 2.93 1.37 12.06
CA LEU A 26 3.85 0.29 11.73
C LEU A 26 4.43 0.48 10.33
N LYS A 27 3.69 1.16 9.47
CA LYS A 27 4.14 1.41 8.10
C LYS A 27 5.12 2.57 8.06
N GLU A 28 4.91 3.55 8.94
CA GLU A 28 5.78 4.72 9.00
C GLU A 28 7.16 4.35 9.53
N GLU A 29 7.20 3.33 10.38
CA GLU A 29 8.46 2.87 10.96
C GLU A 29 9.20 1.95 9.99
N VAL A 30 8.46 1.03 9.38
CA VAL A 30 9.03 0.09 8.43
C VAL A 30 9.34 0.77 7.10
N LYS A 31 8.66 1.87 6.83
CA LYS A 31 8.87 2.62 5.60
C LYS A 31 10.34 2.84 5.32
N ILE A 32 11.13 2.99 6.39
CA ILE A 32 12.56 3.20 6.27
C ILE A 32 13.21 2.10 5.44
N LEU A 33 12.81 0.85 5.70
CA LEU A 33 13.35 -0.29 4.97
C LEU A 33 12.56 -0.54 3.69
N GLN A 34 11.24 -0.57 3.83
CA GLN A 34 10.36 -0.81 2.68
C GLN A 34 10.66 0.17 1.56
N ARG A 35 11.17 1.34 1.92
CA ARG A 35 11.49 2.38 0.94
C ARG A 35 12.30 1.79 -0.22
N LYS A 36 13.14 0.81 0.09
CA LYS A 36 13.97 0.16 -0.92
C LYS A 36 13.20 -0.96 -1.62
N ILE A 37 12.35 -1.65 -0.87
CA ILE A 37 11.55 -2.74 -1.41
C ILE A 37 10.51 -2.22 -2.40
N ASP A 38 10.06 -1.00 -2.18
CA ASP A 38 9.06 -0.39 -3.04
C ASP A 38 9.49 -0.47 -4.50
N GLN A 39 10.69 0.01 -4.79
CA GLN A 39 11.21 -0.02 -6.16
C GLN A 39 11.59 -1.44 -6.56
N GLN A 40 11.74 -2.31 -5.57
CA GLN A 40 12.11 -3.71 -5.84
C GLN A 40 11.06 -4.38 -6.72
N ILE A 41 9.81 -4.33 -6.28
CA ILE A 41 8.71 -4.94 -7.03
C ILE A 41 7.45 -4.09 -6.95
N ALA A 42 7.24 -3.43 -5.81
CA ALA A 42 6.08 -2.58 -5.62
C ALA A 42 5.90 -1.62 -6.79
N LYS A 43 7.02 -1.21 -7.38
CA LYS A 43 6.99 -0.28 -8.51
C LYS A 43 6.64 -1.01 -9.80
N GLU A 44 7.07 -2.26 -9.91
CA GLU A 44 6.81 -3.06 -11.10
C GLU A 44 5.41 -3.68 -11.02
N ARG A 45 5.25 -4.67 -10.16
CA ARG A 45 3.97 -5.35 -9.99
C ARG A 45 2.90 -4.37 -9.47
N VAL A 46 1.68 -4.52 -9.96
CA VAL A 46 0.58 -3.67 -9.55
C VAL A 46 -0.21 -4.29 -8.40
N ILE A 47 0.03 -3.80 -7.19
CA ILE A 47 -0.66 -4.30 -6.01
C ILE A 47 -1.67 -3.29 -5.48
N LYS A 48 -2.77 -3.79 -4.94
CA LYS A 48 -3.81 -2.92 -4.40
C LYS A 48 -3.81 -2.97 -2.87
N GLN A 49 -4.17 -1.85 -2.24
CA GLN A 49 -4.21 -1.77 -0.79
C GLN A 49 -5.49 -1.09 -0.33
N GLY A 1 -17.04 -14.56 -10.88
CA GLY A 1 -17.61 -13.93 -9.71
C GLY A 1 -16.66 -13.91 -8.53
N SER A 2 -15.82 -12.87 -8.48
CA SER A 2 -14.85 -12.74 -7.40
C SER A 2 -14.61 -11.27 -7.06
N MET A 3 -13.67 -11.02 -6.15
CA MET A 3 -13.35 -9.66 -5.74
C MET A 3 -12.62 -8.91 -6.85
N LYS A 4 -12.76 -7.60 -6.86
CA LYS A 4 -12.11 -6.76 -7.87
C LYS A 4 -10.95 -5.97 -7.25
N ASN A 5 -9.82 -5.92 -7.96
CA ASN A 5 -8.66 -5.20 -7.49
C ASN A 5 -8.01 -4.41 -8.62
N TYR A 6 -7.65 -3.16 -8.33
CA TYR A 6 -7.03 -2.30 -9.33
C TYR A 6 -5.80 -1.60 -8.75
N GLN A 7 -5.22 -0.69 -9.53
CA GLN A 7 -4.04 0.05 -9.10
C GLN A 7 -4.23 0.58 -7.67
N PRO A 8 -3.10 0.94 -7.03
CA PRO A 8 -3.12 1.47 -5.67
C PRO A 8 -3.73 2.87 -5.58
N ASN A 9 -5.05 2.93 -5.72
CA ASN A 9 -5.76 4.20 -5.66
C ASN A 9 -5.78 4.75 -4.25
N LYS A 10 -5.67 6.08 -4.12
CA LYS A 10 -5.68 6.73 -2.82
C LYS A 10 -7.10 6.97 -2.33
N ASP A 11 -7.99 7.29 -3.27
CA ASP A 11 -9.39 7.54 -2.95
C ASP A 11 -10.02 6.33 -2.27
N LEU A 12 -9.69 5.14 -2.77
CA LEU A 12 -10.22 3.90 -2.22
C LEU A 12 -9.49 3.52 -0.94
N LEU A 13 -8.18 3.38 -1.03
CA LEU A 13 -7.36 3.02 0.13
C LEU A 13 -7.62 3.97 1.30
N GLU A 14 -7.87 5.23 0.99
CA GLU A 14 -8.15 6.23 2.02
C GLU A 14 -9.22 5.74 2.98
N ILE A 15 -10.27 5.14 2.43
CA ILE A 15 -11.37 4.62 3.24
C ILE A 15 -10.85 3.73 4.36
N LEU A 16 -9.86 2.91 4.05
CA LEU A 16 -9.28 2.01 5.04
C LEU A 16 -8.19 2.72 5.85
N GLU A 17 -7.46 3.62 5.18
CA GLU A 17 -6.39 4.37 5.85
C GLU A 17 -6.90 5.01 7.13
N SER A 18 -8.19 5.34 7.16
CA SER A 18 -8.79 5.97 8.33
C SER A 18 -8.48 5.17 9.60
N GLN A 19 -8.89 3.91 9.61
CA GLN A 19 -8.65 3.03 10.76
C GLN A 19 -7.23 2.47 10.73
N LYS A 20 -6.74 2.20 9.53
CA LYS A 20 -5.38 1.66 9.38
C LYS A 20 -4.34 2.64 9.89
N ILE A 21 -4.74 3.90 10.06
CA ILE A 21 -3.84 4.93 10.55
C ILE A 21 -3.07 4.45 11.76
N LYS A 22 -3.69 3.58 12.56
CA LYS A 22 -3.05 3.04 13.75
C LYS A 22 -1.94 2.06 13.38
N ILE A 23 -2.30 1.00 12.67
CA ILE A 23 -1.34 0.00 12.25
C ILE A 23 -0.24 0.61 11.38
N LYS A 24 -0.60 1.66 10.65
CA LYS A 24 0.36 2.35 9.78
C LYS A 24 1.64 2.68 10.53
N ASN A 25 1.51 2.96 11.82
CA ASN A 25 2.66 3.30 12.65
C ASN A 25 3.55 2.08 12.87
N LEU A 26 2.92 0.93 13.03
CA LEU A 26 3.66 -0.32 13.25
C LEU A 26 4.23 -0.85 11.94
N LYS A 27 3.46 -0.70 10.86
CA LYS A 27 3.89 -1.16 9.54
C LYS A 27 4.93 -0.20 8.95
N GLU A 28 4.91 1.05 9.41
CA GLU A 28 5.86 2.04 8.92
C GLU A 28 7.28 1.72 9.37
N GLU A 29 7.47 1.63 10.68
CA GLU A 29 8.78 1.33 11.25
C GLU A 29 9.38 0.09 10.60
N VAL A 30 8.51 -0.87 10.25
CA VAL A 30 8.95 -2.10 9.62
C VAL A 30 9.15 -1.92 8.12
N LYS A 31 8.34 -1.04 7.53
CA LYS A 31 8.41 -0.76 6.09
C LYS A 31 9.63 0.11 5.77
N ILE A 32 10.14 0.79 6.78
CA ILE A 32 11.30 1.66 6.60
C ILE A 32 12.43 0.93 5.89
N LEU A 33 12.50 -0.38 6.09
CA LEU A 33 13.53 -1.20 5.45
C LEU A 33 13.09 -1.65 4.06
N GLN A 34 11.96 -2.34 4.00
CA GLN A 34 11.43 -2.83 2.73
C GLN A 34 11.36 -1.70 1.70
N ARG A 35 11.12 -0.48 2.18
CA ARG A 35 11.02 0.67 1.31
C ARG A 35 12.21 0.75 0.37
N LYS A 36 13.40 0.50 0.91
CA LYS A 36 14.63 0.54 0.12
C LYS A 36 14.49 -0.32 -1.12
N ILE A 37 13.87 -1.47 -0.97
CA ILE A 37 13.67 -2.39 -2.09
C ILE A 37 12.41 -2.03 -2.89
N ASP A 38 11.44 -1.44 -2.20
CA ASP A 38 10.19 -1.04 -2.84
C ASP A 38 10.45 -0.10 -4.01
N GLN A 39 11.21 0.96 -3.75
CA GLN A 39 11.53 1.93 -4.79
C GLN A 39 12.40 1.31 -5.88
N GLN A 40 12.99 0.16 -5.58
CA GLN A 40 13.83 -0.55 -6.53
C GLN A 40 13.03 -1.00 -7.74
N ILE A 41 11.94 -1.70 -7.48
CA ILE A 41 11.08 -2.20 -8.55
C ILE A 41 9.60 -2.03 -8.19
N ALA A 42 9.29 -2.23 -6.92
CA ALA A 42 7.91 -2.09 -6.45
C ALA A 42 7.31 -0.77 -6.89
N LYS A 43 8.15 0.25 -7.00
CA LYS A 43 7.70 1.58 -7.41
C LYS A 43 7.22 1.57 -8.86
N GLU A 44 7.87 0.75 -9.68
CA GLU A 44 7.51 0.64 -11.09
C GLU A 44 6.36 -0.35 -11.29
N ARG A 45 6.37 -1.41 -10.50
CA ARG A 45 5.33 -2.44 -10.59
C ARG A 45 3.94 -1.81 -10.50
N VAL A 46 3.16 -1.98 -11.57
CA VAL A 46 1.81 -1.42 -11.62
C VAL A 46 0.77 -2.54 -11.66
N ILE A 47 0.09 -2.74 -10.55
CA ILE A 47 -0.94 -3.77 -10.45
C ILE A 47 -2.20 -3.37 -11.22
N LYS A 48 -2.80 -4.32 -11.92
CA LYS A 48 -4.00 -4.07 -12.69
C LYS A 48 -4.57 -5.36 -13.27
N GLN A 49 -5.76 -5.74 -12.81
CA GLN A 49 -6.40 -6.96 -13.29
C GLN A 49 -6.49 -6.97 -14.81
N GLY A 1 11.53 5.76 0.40
CA GLY A 1 11.03 5.37 -0.91
C GLY A 1 9.64 5.90 -1.18
N SER A 2 8.80 5.08 -1.79
CA SER A 2 7.43 5.48 -2.11
C SER A 2 6.48 4.28 -2.10
N MET A 3 5.24 4.52 -1.72
CA MET A 3 4.24 3.46 -1.66
C MET A 3 3.69 3.14 -3.04
N LYS A 4 3.98 1.92 -3.52
CA LYS A 4 3.51 1.50 -4.84
C LYS A 4 2.50 0.37 -4.71
N ASN A 5 1.23 0.67 -4.99
CA ASN A 5 0.17 -0.31 -4.91
C ASN A 5 -0.23 -0.80 -6.30
N TYR A 6 -1.32 -1.55 -6.36
CA TYR A 6 -1.82 -2.08 -7.64
C TYR A 6 -3.31 -1.84 -7.79
N GLN A 7 -3.73 -1.45 -8.99
CA GLN A 7 -5.13 -1.19 -9.27
C GLN A 7 -5.66 -0.03 -8.41
N PRO A 8 -6.76 0.59 -8.86
CA PRO A 8 -7.37 1.71 -8.16
C PRO A 8 -8.03 1.29 -6.85
N ASN A 9 -7.22 0.85 -5.90
CA ASN A 9 -7.72 0.41 -4.60
C ASN A 9 -7.76 1.58 -3.62
N LYS A 10 -8.07 2.77 -4.13
CA LYS A 10 -8.16 3.96 -3.30
C LYS A 10 -9.53 4.07 -2.65
N ASP A 11 -10.57 3.70 -3.40
CA ASP A 11 -11.93 3.75 -2.90
C ASP A 11 -12.19 2.66 -1.86
N LEU A 12 -11.65 1.48 -2.12
CA LEU A 12 -11.83 0.35 -1.20
C LEU A 12 -10.95 0.52 0.03
N LEU A 13 -9.80 1.16 -0.14
CA LEU A 13 -8.89 1.40 0.97
C LEU A 13 -9.31 2.62 1.78
N GLU A 14 -9.85 3.63 1.09
CA GLU A 14 -10.28 4.86 1.74
C GLU A 14 -11.22 4.54 2.90
N ILE A 15 -12.22 3.70 2.64
CA ILE A 15 -13.19 3.33 3.66
C ILE A 15 -12.49 2.86 4.93
N LEU A 16 -11.41 2.09 4.75
CA LEU A 16 -10.64 1.57 5.88
C LEU A 16 -9.67 2.61 6.40
N GLU A 17 -9.31 3.56 5.54
CA GLU A 17 -8.38 4.62 5.93
C GLU A 17 -8.77 5.25 7.26
N SER A 18 -10.07 5.29 7.52
CA SER A 18 -10.59 5.87 8.76
C SER A 18 -9.87 5.27 9.97
N GLN A 19 -9.97 3.95 10.12
CA GLN A 19 -9.34 3.25 11.23
C GLN A 19 -7.86 3.03 10.96
N LYS A 20 -7.53 2.80 9.69
CA LYS A 20 -6.14 2.56 9.30
C LYS A 20 -5.27 3.79 9.59
N ILE A 21 -5.93 4.92 9.80
CA ILE A 21 -5.21 6.17 10.10
C ILE A 21 -4.14 5.94 11.17
N LYS A 22 -4.42 5.03 12.09
CA LYS A 22 -3.48 4.72 13.17
C LYS A 22 -2.46 3.68 12.72
N ILE A 23 -2.97 2.53 12.28
CA ILE A 23 -2.10 1.45 11.82
C ILE A 23 -1.10 1.94 10.78
N LYS A 24 -1.49 2.99 10.06
CA LYS A 24 -0.64 3.56 9.02
C LYS A 24 0.77 3.79 9.56
N ASN A 25 0.87 4.11 10.84
CA ASN A 25 2.16 4.37 11.48
C ASN A 25 2.96 3.07 11.60
N LEU A 26 2.36 2.07 12.24
CA LEU A 26 3.02 0.78 12.43
C LEU A 26 3.32 0.12 11.08
N LYS A 27 2.28 -0.06 10.27
CA LYS A 27 2.43 -0.67 8.96
C LYS A 27 3.53 0.02 8.16
N GLU A 28 3.72 1.31 8.42
CA GLU A 28 4.74 2.09 7.71
C GLU A 28 6.14 1.61 8.10
N GLU A 29 6.33 1.34 9.38
CA GLU A 29 7.62 0.87 9.88
C GLU A 29 7.99 -0.47 9.26
N VAL A 30 7.02 -1.38 9.20
CA VAL A 30 7.23 -2.71 8.63
C VAL A 30 7.27 -2.65 7.11
N LYS A 31 6.58 -1.68 6.54
CA LYS A 31 6.52 -1.51 5.09
C LYS A 31 7.93 -1.52 4.50
N ILE A 32 8.90 -1.07 5.29
CA ILE A 32 10.29 -1.01 4.84
C ILE A 32 10.72 -2.35 4.22
N LEU A 33 10.21 -3.44 4.80
CA LEU A 33 10.54 -4.78 4.30
C LEU A 33 9.61 -5.18 3.17
N GLN A 34 8.36 -4.74 3.24
CA GLN A 34 7.37 -5.06 2.22
C GLN A 34 7.83 -4.57 0.85
N ARG A 35 8.56 -3.46 0.83
CA ARG A 35 9.06 -2.88 -0.42
C ARG A 35 9.78 -3.95 -1.25
N LYS A 36 10.65 -4.71 -0.60
CA LYS A 36 11.41 -5.76 -1.28
C LYS A 36 10.47 -6.68 -2.06
N ILE A 37 9.29 -6.92 -1.50
CA ILE A 37 8.30 -7.79 -2.14
C ILE A 37 7.46 -7.00 -3.14
N ASP A 38 7.24 -5.73 -2.85
CA ASP A 38 6.45 -4.87 -3.73
C ASP A 38 7.06 -4.81 -5.13
N GLN A 39 8.35 -4.52 -5.20
CA GLN A 39 9.05 -4.44 -6.46
C GLN A 39 9.02 -5.77 -7.20
N GLN A 40 8.82 -6.85 -6.44
CA GLN A 40 8.77 -8.18 -7.02
C GLN A 40 7.69 -8.27 -8.10
N ILE A 41 6.47 -7.91 -7.71
CA ILE A 41 5.35 -7.95 -8.64
C ILE A 41 4.44 -6.73 -8.46
N ALA A 42 4.29 -6.30 -7.22
CA ALA A 42 3.45 -5.15 -6.91
C ALA A 42 3.81 -3.96 -7.81
N LYS A 43 5.08 -3.86 -8.18
CA LYS A 43 5.54 -2.77 -9.04
C LYS A 43 5.18 -3.04 -10.49
N GLU A 44 5.19 -4.32 -10.88
CA GLU A 44 4.86 -4.69 -12.24
C GLU A 44 3.46 -4.23 -12.62
N ARG A 45 2.50 -4.48 -11.74
CA ARG A 45 1.12 -4.08 -11.97
C ARG A 45 0.76 -2.84 -11.17
N VAL A 46 1.15 -1.68 -11.68
CA VAL A 46 0.87 -0.41 -11.00
C VAL A 46 0.10 0.53 -11.91
N ILE A 47 -1.20 0.68 -11.63
CA ILE A 47 -2.05 1.55 -12.43
C ILE A 47 -1.75 3.02 -12.15
N LYS A 48 -1.73 3.82 -13.21
CA LYS A 48 -1.45 5.25 -13.07
C LYS A 48 -2.74 6.04 -12.84
N GLN A 49 -2.83 6.69 -11.69
CA GLN A 49 -4.01 7.48 -11.35
C GLN A 49 -4.10 8.72 -12.24
N GLY A 1 -7.14 -14.96 4.80
CA GLY A 1 -8.43 -14.93 4.12
C GLY A 1 -8.94 -13.52 3.90
N SER A 2 -8.37 -12.84 2.92
CA SER A 2 -8.77 -11.47 2.61
C SER A 2 -8.92 -11.27 1.10
N MET A 3 -9.37 -10.09 0.71
CA MET A 3 -9.56 -9.77 -0.70
C MET A 3 -8.21 -9.58 -1.40
N LYS A 4 -8.15 -9.95 -2.67
CA LYS A 4 -6.93 -9.82 -3.44
C LYS A 4 -7.07 -8.74 -4.52
N ASN A 5 -6.05 -7.89 -4.63
CA ASN A 5 -6.06 -6.82 -5.61
C ASN A 5 -4.69 -6.65 -6.26
N TYR A 6 -4.59 -5.71 -7.18
CA TYR A 6 -3.32 -5.46 -7.88
C TYR A 6 -3.02 -3.96 -7.92
N GLN A 7 -1.74 -3.63 -7.82
CA GLN A 7 -1.32 -2.23 -7.85
C GLN A 7 -1.85 -1.47 -6.64
N PRO A 8 -1.13 -0.41 -6.24
CA PRO A 8 -1.52 0.41 -5.10
C PRO A 8 -2.77 1.24 -5.36
N ASN A 9 -3.93 0.59 -5.33
CA ASN A 9 -5.20 1.26 -5.58
C ASN A 9 -5.56 2.17 -4.41
N LYS A 10 -5.72 3.46 -4.71
CA LYS A 10 -6.08 4.44 -3.68
C LYS A 10 -7.58 4.47 -3.46
N ASP A 11 -8.35 4.25 -4.51
CA ASP A 11 -9.81 4.25 -4.43
C ASP A 11 -10.28 3.18 -3.44
N LEU A 12 -9.65 2.00 -3.49
CA LEU A 12 -10.02 0.90 -2.61
C LEU A 12 -9.42 1.11 -1.22
N LEU A 13 -8.11 1.31 -1.16
CA LEU A 13 -7.43 1.51 0.12
C LEU A 13 -8.07 2.67 0.89
N GLU A 14 -8.53 3.67 0.16
CA GLU A 14 -9.16 4.84 0.77
C GLU A 14 -10.21 4.42 1.80
N ILE A 15 -11.12 3.54 1.37
CA ILE A 15 -12.17 3.06 2.25
C ILE A 15 -11.60 2.51 3.55
N LEU A 16 -10.43 1.89 3.46
CA LEU A 16 -9.77 1.31 4.63
C LEU A 16 -8.97 2.39 5.38
N GLU A 17 -8.62 3.46 4.67
CA GLU A 17 -7.85 4.55 5.27
C GLU A 17 -8.46 4.97 6.61
N SER A 18 -9.78 4.87 6.71
CA SER A 18 -10.49 5.25 7.92
C SER A 18 -9.87 4.57 9.14
N GLN A 19 -9.84 3.24 9.12
CA GLN A 19 -9.27 2.47 10.22
C GLN A 19 -7.75 2.42 10.12
N LYS A 20 -7.24 2.41 8.90
CA LYS A 20 -5.81 2.36 8.67
C LYS A 20 -5.12 3.59 9.25
N ILE A 21 -5.91 4.63 9.52
CA ILE A 21 -5.39 5.87 10.09
C ILE A 21 -4.43 5.59 11.24
N LYS A 22 -4.71 4.54 11.99
CA LYS A 22 -3.89 4.15 13.13
C LYS A 22 -2.72 3.27 12.68
N ILE A 23 -2.99 2.39 11.72
CA ILE A 23 -1.97 1.50 11.20
C ILE A 23 -0.88 2.27 10.46
N LYS A 24 -1.24 3.44 9.94
CA LYS A 24 -0.30 4.28 9.22
C LYS A 24 1.02 4.42 9.99
N ASN A 25 0.92 4.44 11.32
CA ASN A 25 2.09 4.57 12.17
C ASN A 25 3.03 3.37 11.99
N LEU A 26 2.50 2.18 12.15
CA LEU A 26 3.29 0.96 12.01
C LEU A 26 3.70 0.75 10.55
N LYS A 27 2.83 1.14 9.63
CA LYS A 27 3.11 1.01 8.21
C LYS A 27 4.21 1.97 7.77
N GLU A 28 4.26 3.13 8.42
CA GLU A 28 5.26 4.14 8.11
C GLU A 28 6.65 3.68 8.55
N GLU A 29 6.71 2.98 9.67
CA GLU A 29 7.97 2.48 10.20
C GLU A 29 8.50 1.33 9.36
N VAL A 30 7.60 0.42 8.97
CA VAL A 30 7.97 -0.73 8.16
C VAL A 30 8.20 -0.33 6.71
N LYS A 31 7.57 0.77 6.29
CA LYS A 31 7.71 1.26 4.93
C LYS A 31 9.18 1.31 4.51
N ILE A 32 10.05 1.59 5.46
CA ILE A 32 11.47 1.67 5.20
C ILE A 32 11.96 0.42 4.46
N LEU A 33 11.42 -0.73 4.85
CA LEU A 33 11.80 -1.99 4.24
C LEU A 33 10.97 -2.26 2.98
N GLN A 34 9.73 -1.79 2.99
CA GLN A 34 8.83 -1.98 1.85
C GLN A 34 9.51 -1.55 0.56
N ARG A 35 10.37 -0.55 0.65
CA ARG A 35 11.08 -0.04 -0.52
C ARG A 35 11.73 -1.18 -1.30
N LYS A 36 12.19 -2.20 -0.58
CA LYS A 36 12.82 -3.36 -1.20
C LYS A 36 11.83 -4.12 -2.07
N ILE A 37 10.60 -4.24 -1.59
CA ILE A 37 9.55 -4.96 -2.32
C ILE A 37 8.98 -4.08 -3.43
N ASP A 38 8.83 -2.78 -3.15
CA ASP A 38 8.30 -1.85 -4.13
C ASP A 38 9.10 -1.89 -5.42
N GLN A 39 10.42 -1.73 -5.31
CA GLN A 39 11.30 -1.75 -6.47
C GLN A 39 11.35 -3.14 -7.09
N GLN A 40 10.95 -4.14 -6.32
CA GLN A 40 10.94 -5.52 -6.79
C GLN A 40 10.02 -5.69 -7.99
N ILE A 41 8.78 -5.27 -7.84
CA ILE A 41 7.80 -5.37 -8.91
C ILE A 41 6.94 -4.12 -8.99
N ALA A 42 6.63 -3.53 -7.82
CA ALA A 42 5.82 -2.33 -7.77
C ALA A 42 6.38 -1.24 -8.68
N LYS A 43 7.67 -1.33 -8.97
CA LYS A 43 8.33 -0.35 -9.82
C LYS A 43 7.77 -0.40 -11.24
N GLU A 44 7.30 -1.58 -11.64
CA GLU A 44 6.74 -1.76 -12.98
C GLU A 44 5.59 -0.79 -13.22
N ARG A 45 4.45 -1.08 -12.60
CA ARG A 45 3.26 -0.22 -12.74
C ARG A 45 2.72 0.20 -11.38
N VAL A 46 2.50 1.50 -11.22
CA VAL A 46 1.99 2.03 -9.96
C VAL A 46 0.70 2.81 -10.19
N ILE A 47 -0.43 2.19 -9.86
CA ILE A 47 -1.73 2.83 -10.02
C ILE A 47 -1.93 3.93 -9.00
N LYS A 48 -2.49 5.06 -9.45
CA LYS A 48 -2.74 6.19 -8.56
C LYS A 48 -3.47 7.30 -9.31
N GLN A 49 -4.60 7.73 -8.75
CA GLN A 49 -5.40 8.79 -9.36
C GLN A 49 -5.29 10.09 -8.57
N GLY A 1 -10.92 -12.63 2.65
CA GLY A 1 -9.55 -13.09 2.57
C GLY A 1 -9.06 -13.21 1.15
N SER A 2 -7.75 -13.42 1.00
CA SER A 2 -7.16 -13.56 -0.33
C SER A 2 -7.54 -12.38 -1.22
N MET A 3 -7.63 -11.20 -0.62
CA MET A 3 -7.99 -9.99 -1.35
C MET A 3 -6.80 -9.46 -2.14
N LYS A 4 -7.01 -9.23 -3.43
CA LYS A 4 -5.95 -8.72 -4.30
C LYS A 4 -6.19 -7.26 -4.66
N ASN A 5 -5.19 -6.43 -4.41
CA ASN A 5 -5.30 -5.00 -4.71
C ASN A 5 -4.85 -4.71 -6.14
N TYR A 6 -5.74 -4.11 -6.93
CA TYR A 6 -5.43 -3.78 -8.31
C TYR A 6 -5.86 -2.35 -8.63
N GLN A 7 -5.06 -1.68 -9.45
CA GLN A 7 -5.36 -0.30 -9.84
C GLN A 7 -5.29 0.63 -8.63
N PRO A 8 -5.00 1.92 -8.89
CA PRO A 8 -4.90 2.93 -7.84
C PRO A 8 -6.27 3.27 -7.23
N ASN A 9 -6.79 2.35 -6.42
CA ASN A 9 -8.07 2.54 -5.77
C ASN A 9 -7.93 3.41 -4.53
N LYS A 10 -7.91 4.73 -4.74
CA LYS A 10 -7.78 5.68 -3.64
C LYS A 10 -9.13 5.96 -3.00
N ASP A 11 -10.18 5.99 -3.83
CA ASP A 11 -11.53 6.24 -3.34
C ASP A 11 -12.05 5.05 -2.54
N LEU A 12 -11.72 3.85 -2.99
CA LEU A 12 -12.15 2.63 -2.31
C LEU A 12 -11.30 2.37 -1.07
N LEU A 13 -10.01 2.68 -1.16
CA LEU A 13 -9.09 2.47 -0.05
C LEU A 13 -9.26 3.57 1.00
N GLU A 14 -9.61 4.77 0.55
CA GLU A 14 -9.79 5.90 1.46
C GLU A 14 -10.71 5.51 2.61
N ILE A 15 -11.81 4.84 2.29
CA ILE A 15 -12.77 4.42 3.30
C ILE A 15 -12.08 3.68 4.43
N LEU A 16 -11.11 2.85 4.08
CA LEU A 16 -10.37 2.08 5.08
C LEU A 16 -9.23 2.89 5.66
N GLU A 17 -8.68 3.80 4.85
CA GLU A 17 -7.58 4.64 5.29
C GLU A 17 -7.89 5.30 6.63
N SER A 18 -9.17 5.59 6.86
CA SER A 18 -9.60 6.22 8.10
C SER A 18 -9.07 5.45 9.31
N GLN A 19 -9.42 4.18 9.40
CA GLN A 19 -8.98 3.34 10.50
C GLN A 19 -7.55 2.86 10.29
N LYS A 20 -7.24 2.49 9.05
CA LYS A 20 -5.91 2.01 8.71
C LYS A 20 -4.84 3.04 9.06
N ILE A 21 -5.26 4.30 9.15
CA ILE A 21 -4.34 5.38 9.48
C ILE A 21 -3.55 5.06 10.74
N LYS A 22 -4.12 4.24 11.61
CA LYS A 22 -3.46 3.85 12.84
C LYS A 22 -2.30 2.89 12.57
N ILE A 23 -2.60 1.75 11.96
CA ILE A 23 -1.58 0.77 11.62
C ILE A 23 -0.60 1.32 10.59
N LYS A 24 -1.07 2.24 9.77
CA LYS A 24 -0.23 2.85 8.75
C LYS A 24 1.09 3.32 9.33
N ASN A 25 1.07 3.72 10.60
CA ASN A 25 2.27 4.20 11.27
C ASN A 25 3.26 3.05 11.49
N LEU A 26 2.74 1.89 11.89
CA LEU A 26 3.57 0.72 12.13
C LEU A 26 3.95 0.03 10.82
N LYS A 27 3.09 0.20 9.81
CA LYS A 27 3.34 -0.39 8.50
C LYS A 27 4.30 0.47 7.69
N GLU A 28 4.20 1.78 7.84
CA GLU A 28 5.06 2.70 7.12
C GLU A 28 6.48 2.67 7.66
N GLU A 29 6.60 2.45 8.97
CA GLU A 29 7.91 2.39 9.62
C GLU A 29 8.65 1.11 9.22
N VAL A 30 7.91 0.03 9.04
CA VAL A 30 8.50 -1.24 8.66
C VAL A 30 8.66 -1.35 7.14
N LYS A 31 7.72 -0.75 6.42
CA LYS A 31 7.75 -0.77 4.95
C LYS A 31 9.02 -0.12 4.44
N ILE A 32 9.65 0.70 5.28
CA ILE A 32 10.88 1.38 4.89
C ILE A 32 11.89 0.41 4.28
N LEU A 33 11.86 -0.83 4.75
CA LEU A 33 12.76 -1.86 4.25
C LEU A 33 12.19 -2.54 3.00
N GLN A 34 10.92 -2.89 3.06
CA GLN A 34 10.25 -3.54 1.95
C GLN A 34 10.30 -2.67 0.70
N ARG A 35 10.27 -1.35 0.90
CA ARG A 35 10.31 -0.41 -0.20
C ARG A 35 11.45 -0.74 -1.16
N LYS A 36 12.59 -1.13 -0.59
CA LYS A 36 13.76 -1.46 -1.40
C LYS A 36 13.40 -2.47 -2.48
N ILE A 37 12.64 -3.50 -2.11
CA ILE A 37 12.23 -4.53 -3.04
C ILE A 37 10.96 -4.11 -3.79
N ASP A 38 10.16 -3.25 -3.16
CA ASP A 38 8.92 -2.79 -3.75
C ASP A 38 9.19 -2.09 -5.09
N GLN A 39 10.17 -1.19 -5.09
CA GLN A 39 10.52 -0.45 -6.29
C GLN A 39 10.93 -1.41 -7.41
N GLN A 40 11.35 -2.62 -7.03
CA GLN A 40 11.77 -3.62 -8.00
C GLN A 40 10.64 -3.96 -8.96
N ILE A 41 9.49 -4.33 -8.41
CA ILE A 41 8.33 -4.68 -9.22
C ILE A 41 7.05 -4.10 -8.62
N ALA A 42 6.97 -4.09 -7.30
CA ALA A 42 5.80 -3.55 -6.61
C ALA A 42 5.43 -2.16 -7.15
N LYS A 43 6.45 -1.39 -7.53
CA LYS A 43 6.24 -0.05 -8.04
C LYS A 43 5.52 -0.10 -9.39
N GLU A 44 5.81 -1.13 -10.17
CA GLU A 44 5.19 -1.30 -11.48
C GLU A 44 3.83 -1.98 -11.36
N ARG A 45 3.73 -2.93 -10.43
CA ARG A 45 2.49 -3.65 -10.21
C ARG A 45 1.32 -2.69 -10.04
N VAL A 46 1.33 -1.94 -8.94
CA VAL A 46 0.27 -0.99 -8.65
C VAL A 46 0.61 0.39 -9.19
N ILE A 47 -0.08 0.80 -10.25
CA ILE A 47 0.15 2.09 -10.86
C ILE A 47 -0.67 3.18 -10.17
N LYS A 48 -0.10 4.38 -10.08
CA LYS A 48 -0.78 5.51 -9.45
C LYS A 48 -0.16 6.82 -9.88
N GLN A 49 -0.99 7.73 -10.39
CA GLN A 49 -0.52 9.03 -10.84
C GLN A 49 0.11 9.81 -9.69
#